data_4QMK
#
_entry.id   4QMK
#
_cell.length_a   67.218
_cell.length_b   115.341
_cell.length_c   88.443
_cell.angle_alpha   90.00
_cell.angle_beta   102.77
_cell.angle_gamma   90.00
#
_symmetry.space_group_name_H-M   'P 1 21 1'
#
loop_
_entity.id
_entity.type
_entity.pdbx_description
1 polymer 'Type III secretion system effector protein ExoU'
2 non-polymer BETA-MERCAPTOETHANOL
3 water water
#
_entity_poly.entity_id   1
_entity_poly.type   'polypeptide(L)'
_entity_poly.pdbx_seq_one_letter_code
;MGKASVDQISKLMKVSSSVVENHPPSPQISDQGAKVPLVKGVGERNLSIYRHSDGRVEVVVSPPPPAHLVLSGGGAKGIA
FPGMVQALEEADKLKGVKVVSGSSAGAICAALLASGMDAKAFTQLSNNLDLPRLLNSKDPVTAWLQEASSELGKLVRSLP
GPVGNISQLLLTLLPRLQTEGQPLEDLIRNESRQSILAHIAGMPPANRPPEVTAIAERLSAGGGATFRDLEVLSRHIPAI
KQLNITGTGMFDGRPQLVVFNANLTPDMDIGRAALISGALPGLFKSPTEQGHGFQAASQVTAFQDGGLLLNTPAPGVIER
SFPESPLGKDEALIVKFESDKASAPPRSGGFFSFLADTFTGTPHTAAESYQNDRLQAFSEQTVTLPLNSDKGDFRGLLDG
TVNFTMTPEQKQHLQAQARQTVSGHLQQRELERERHEFPSLNDAVMAMDDQMLASVQVDLQNDAAGAEALRFRKDAQQAL
QALDTAIAEANQTSTSLVITPKLASALRNLDALARRPEDIEWLGKRLNAPGQRNFQQLLQVGTKQASSNGSGLSKVLTSA
VAEMQKRDIGVKAENFIREVIYPSLYRPGQPAANVELLQRAVRDLGEATTPAEFNRVLDGIVKHYRARNKPWSKPFSSTT
VEQAKAWRIPVGGRLVPRGSPGAAGHNHNHNHNHNHN
;
_entity_poly.pdbx_strand_id   A,B
#
# COMPACT_ATOMS: atom_id res chain seq x y z
N ALA A 34 -54.87 22.25 -21.00
CA ALA A 34 -55.54 21.12 -20.29
C ALA A 34 -54.60 19.89 -20.23
N LYS A 35 -53.53 20.01 -19.43
CA LYS A 35 -52.53 18.95 -19.32
C LYS A 35 -53.12 17.67 -18.74
N VAL A 36 -52.65 16.55 -19.27
CA VAL A 36 -53.14 15.25 -18.90
C VAL A 36 -52.17 14.53 -17.98
N PRO A 37 -52.65 14.00 -16.87
CA PRO A 37 -51.80 13.25 -15.99
C PRO A 37 -51.63 11.86 -16.54
N LEU A 38 -50.38 11.42 -16.66
CA LEU A 38 -50.06 10.06 -17.09
C LEU A 38 -49.77 9.18 -15.87
N VAL A 39 -49.21 9.78 -14.82
CA VAL A 39 -48.80 9.10 -13.60
C VAL A 39 -48.87 10.06 -12.41
N LYS A 40 -49.28 9.55 -11.27
CA LYS A 40 -49.45 10.35 -10.08
C LYS A 40 -48.85 9.79 -8.82
N GLY A 41 -48.12 10.64 -8.13
CA GLY A 41 -47.55 10.36 -6.81
C GLY A 41 -47.09 8.94 -6.64
N VAL A 42 -46.37 8.44 -7.61
CA VAL A 42 -45.90 7.11 -7.50
C VAL A 42 -44.65 7.07 -6.69
N GLY A 43 -44.63 6.15 -5.72
CA GLY A 43 -43.46 5.90 -4.92
C GLY A 43 -42.97 6.96 -3.93
N GLU A 44 -41.79 6.71 -3.37
CA GLU A 44 -41.22 7.54 -2.31
C GLU A 44 -40.71 8.90 -2.80
N ARG A 45 -40.67 9.07 -4.12
CA ARG A 45 -40.35 10.36 -4.71
C ARG A 45 -41.58 11.04 -5.24
N ASN A 46 -42.73 10.41 -4.96
CA ASN A 46 -44.01 10.91 -5.37
C ASN A 46 -43.94 11.36 -6.82
N LEU A 47 -43.51 10.47 -7.70
CA LEU A 47 -43.27 10.83 -9.04
C LEU A 47 -44.56 11.01 -9.80
N SER A 48 -44.70 12.16 -10.49
CA SER A 48 -45.85 12.40 -11.34
C SER A 48 -45.37 12.88 -12.71
N ILE A 49 -46.14 12.54 -13.74
CA ILE A 49 -45.82 12.88 -15.08
C ILE A 49 -47.05 13.37 -15.80
N TYR A 50 -46.97 14.59 -16.37
CA TYR A 50 -48.11 15.18 -17.12
C TYR A 50 -47.66 15.49 -18.54
N ARG A 51 -48.61 15.45 -19.48
CA ARG A 51 -48.32 15.81 -20.86
C ARG A 51 -49.25 16.91 -21.36
N HIS A 52 -48.67 17.90 -22.01
CA HIS A 52 -49.44 19.01 -22.62
C HIS A 52 -49.86 18.63 -24.05
N SER A 53 -50.51 19.54 -24.73
CA SER A 53 -50.93 19.32 -26.11
C SER A 53 -49.72 19.22 -27.04
N ASP A 54 -48.79 20.15 -26.83
CA ASP A 54 -47.53 20.28 -27.59
C ASP A 54 -46.71 19.00 -27.60
N GLY A 55 -47.00 18.11 -26.66
CA GLY A 55 -46.18 16.94 -26.46
C GLY A 55 -45.15 17.18 -25.37
N ARG A 56 -45.11 18.42 -24.87
CA ARG A 56 -44.23 18.75 -23.79
C ARG A 56 -44.64 17.88 -22.60
N VAL A 57 -43.66 17.33 -21.92
CA VAL A 57 -43.90 16.55 -20.73
C VAL A 57 -43.26 17.18 -19.51
N GLU A 58 -43.96 17.06 -18.40
CA GLU A 58 -43.53 17.62 -17.14
C GLU A 58 -43.46 16.52 -16.03
N VAL A 59 -42.31 16.38 -15.39
CA VAL A 59 -42.14 15.42 -14.33
C VAL A 59 -41.97 16.15 -13.01
N VAL A 60 -42.73 15.74 -11.99
CA VAL A 60 -42.62 16.35 -10.70
C VAL A 60 -42.22 15.31 -9.69
N VAL A 61 -41.26 15.67 -8.86
CA VAL A 61 -40.77 14.80 -7.84
C VAL A 61 -40.43 15.49 -6.56
N SER A 62 -40.31 14.67 -5.53
CA SER A 62 -39.95 15.06 -4.20
C SER A 62 -38.56 14.49 -4.02
N PRO A 63 -37.82 14.97 -3.01
CA PRO A 63 -36.50 14.46 -2.71
C PRO A 63 -36.50 13.00 -2.27
N PRO A 64 -35.41 12.26 -2.57
CA PRO A 64 -35.23 10.92 -2.03
C PRO A 64 -34.85 11.03 -0.57
N PRO A 65 -34.94 9.93 0.17
CA PRO A 65 -34.52 9.94 1.55
C PRO A 65 -32.97 10.00 1.60
N PRO A 66 -32.38 10.37 2.75
CA PRO A 66 -30.92 10.56 2.84
C PRO A 66 -30.06 9.35 2.57
N ALA A 67 -29.10 9.53 1.65
CA ALA A 67 -28.10 8.52 1.32
C ALA A 67 -26.72 8.87 1.93
N HIS A 68 -26.49 10.13 2.24
CA HIS A 68 -25.24 10.53 2.83
C HIS A 68 -25.52 11.32 4.14
N LEU A 69 -24.95 10.89 5.24
CA LEU A 69 -25.10 11.59 6.52
C LEU A 69 -23.77 12.29 6.76
N VAL A 70 -23.80 13.60 6.92
CA VAL A 70 -22.56 14.33 7.11
C VAL A 70 -22.57 14.93 8.50
N LEU A 71 -21.57 14.61 9.31
CA LEU A 71 -21.46 15.18 10.71
C LEU A 71 -20.32 16.19 10.82
N SER A 72 -20.65 17.46 10.96
CA SER A 72 -19.66 18.56 11.09
C SER A 72 -19.37 18.75 12.53
N GLY A 73 -18.53 17.90 13.05
CA GLY A 73 -18.44 17.69 14.47
C GLY A 73 -17.80 18.67 15.38
N GLY A 74 -17.78 18.23 16.64
CA GLY A 74 -17.30 18.98 17.81
C GLY A 74 -17.36 17.92 18.86
N GLY A 75 -16.66 18.13 19.95
CA GLY A 75 -16.62 17.14 21.02
C GLY A 75 -17.85 17.24 21.89
N ALA A 76 -17.84 18.21 22.79
CA ALA A 76 -18.92 18.35 23.75
C ALA A 76 -20.29 18.44 23.06
N LYS A 77 -20.39 19.24 22.00
CA LYS A 77 -21.68 19.39 21.30
C LYS A 77 -22.12 18.05 20.65
N GLY A 78 -21.19 17.16 20.42
CA GLY A 78 -21.52 15.86 19.90
C GLY A 78 -22.51 15.11 20.76
N ILE A 79 -22.77 15.58 21.97
CA ILE A 79 -23.62 14.87 22.87
C ILE A 79 -25.01 14.95 22.35
N ALA A 80 -25.29 15.86 21.43
CA ALA A 80 -26.64 15.91 20.80
C ALA A 80 -26.88 14.84 19.73
N PHE A 81 -25.83 14.30 19.16
CA PHE A 81 -26.02 13.41 18.02
C PHE A 81 -26.95 12.22 18.25
N PRO A 82 -26.96 11.66 19.46
CA PRO A 82 -27.82 10.51 19.66
C PRO A 82 -29.26 10.74 19.26
N GLY A 83 -29.81 11.91 19.55
CA GLY A 83 -31.19 12.19 19.11
C GLY A 83 -31.32 12.21 17.57
N MET A 84 -30.28 12.68 16.89
CA MET A 84 -30.30 12.68 15.45
C MET A 84 -30.40 11.21 14.94
N VAL A 85 -29.68 10.31 15.57
CA VAL A 85 -29.76 8.92 15.15
C VAL A 85 -31.11 8.25 15.52
N GLN A 86 -31.66 8.64 16.67
CA GLN A 86 -32.96 8.16 17.05
C GLN A 86 -33.96 8.53 15.97
N ALA A 87 -33.97 9.80 15.61
CA ALA A 87 -34.85 10.32 14.53
C ALA A 87 -34.69 9.58 13.23
N LEU A 88 -33.46 9.27 12.82
CA LEU A 88 -33.28 8.53 11.56
C LEU A 88 -33.87 7.12 11.59
N GLU A 89 -33.62 6.41 12.68
CA GLU A 89 -34.01 5.01 12.81
C GLU A 89 -35.51 4.90 12.98
N GLU A 90 -36.05 5.69 13.91
CA GLU A 90 -37.50 5.75 14.18
C GLU A 90 -38.34 6.11 12.93
N ALA A 91 -37.70 6.67 11.92
CA ALA A 91 -38.36 6.96 10.66
C ALA A 91 -37.94 5.97 9.57
N ASP A 92 -37.33 4.85 9.96
CA ASP A 92 -36.79 3.86 9.02
C ASP A 92 -35.95 4.50 7.92
N LYS A 93 -35.27 5.59 8.24
CA LYS A 93 -34.44 6.22 7.23
C LYS A 93 -32.96 6.01 7.44
N LEU A 94 -32.59 5.26 8.47
CA LEU A 94 -31.15 4.97 8.70
C LEU A 94 -30.63 3.87 7.77
N LYS A 95 -31.48 2.91 7.53
CA LYS A 95 -31.14 1.80 6.66
C LYS A 95 -30.56 2.31 5.35
N GLY A 96 -31.25 3.22 4.70
CA GLY A 96 -30.87 3.67 3.40
C GLY A 96 -29.73 4.67 3.33
N VAL A 97 -29.16 5.04 4.49
CA VAL A 97 -27.98 5.83 4.50
C VAL A 97 -26.89 4.93 3.94
N LYS A 98 -26.06 5.43 3.05
CA LYS A 98 -25.00 4.62 2.44
C LYS A 98 -23.59 5.00 2.87
N VAL A 99 -23.38 6.26 3.16
CA VAL A 99 -22.07 6.75 3.44
C VAL A 99 -22.21 7.70 4.61
N VAL A 100 -21.30 7.59 5.54
CA VAL A 100 -21.32 8.50 6.65
C VAL A 100 -20.03 9.30 6.64
N SER A 101 -20.13 10.62 6.70
CA SER A 101 -18.92 11.44 6.78
C SER A 101 -18.85 12.14 8.09
N GLY A 102 -17.65 12.23 8.61
CA GLY A 102 -17.49 12.88 9.89
C GLY A 102 -16.34 13.82 9.84
N SER A 103 -16.55 15.03 10.28
CA SER A 103 -15.49 16.03 10.24
C SER A 103 -14.97 16.38 11.58
N SER A 104 -13.66 16.59 11.65
CA SER A 104 -13.00 16.92 12.93
C SER A 104 -13.45 15.96 14.01
N ALA A 105 -13.93 16.45 15.15
CA ALA A 105 -14.30 15.54 16.23
C ALA A 105 -15.57 14.70 15.97
N GLY A 106 -16.21 14.90 14.81
CA GLY A 106 -17.40 14.12 14.38
C GLY A 106 -16.98 12.84 13.72
N ALA A 107 -15.68 12.71 13.52
CA ALA A 107 -15.14 11.54 12.95
C ALA A 107 -15.43 10.30 13.84
N ILE A 108 -15.25 10.45 15.12
CA ILE A 108 -15.53 9.40 16.09
C ILE A 108 -16.94 8.83 15.91
N CYS A 109 -17.91 9.74 15.93
CA CYS A 109 -19.27 9.38 15.81
C CYS A 109 -19.49 8.74 14.45
N ALA A 110 -18.96 9.35 13.39
CA ALA A 110 -19.14 8.80 12.09
C ALA A 110 -18.62 7.38 12.04
N ALA A 111 -17.46 7.14 12.65
CA ALA A 111 -16.92 5.79 12.63
C ALA A 111 -17.84 4.82 13.39
N LEU A 112 -18.35 5.24 14.55
CA LEU A 112 -19.24 4.33 15.29
C LEU A 112 -20.47 4.00 14.47
N LEU A 113 -21.05 4.99 13.83
CA LEU A 113 -22.26 4.75 13.01
C LEU A 113 -21.98 3.95 11.74
N ALA A 114 -20.85 4.16 11.11
CA ALA A 114 -20.59 3.46 9.89
C ALA A 114 -20.42 1.99 10.16
N SER A 115 -20.04 1.69 11.39
CA SER A 115 -19.84 0.34 11.87
C SER A 115 -21.11 -0.38 12.18
N GLY A 116 -22.22 0.33 12.11
CA GLY A 116 -23.50 -0.31 12.30
C GLY A 116 -24.08 -0.23 13.69
N MET A 117 -23.60 0.69 14.52
CA MET A 117 -24.20 0.87 15.83
C MET A 117 -25.59 1.43 15.67
N ASP A 118 -26.57 0.84 16.34
CA ASP A 118 -27.95 1.35 16.35
C ASP A 118 -28.11 2.54 17.34
N ALA A 119 -29.27 3.15 17.33
CA ALA A 119 -29.50 4.34 18.08
C ALA A 119 -29.29 4.15 19.58
N LYS A 120 -29.81 3.06 20.10
N LYS A 120 -29.82 3.05 20.09
CA LYS A 120 -29.77 2.80 21.50
CA LYS A 120 -29.75 2.75 21.52
C LYS A 120 -28.33 2.59 21.99
C LYS A 120 -28.32 2.59 21.99
N ALA A 121 -27.60 1.68 21.34
CA ALA A 121 -26.18 1.43 21.67
C ALA A 121 -25.42 2.74 21.59
N PHE A 122 -25.61 3.44 20.47
CA PHE A 122 -24.99 4.75 20.27
C PHE A 122 -25.32 5.79 21.35
N THR A 123 -26.56 5.83 21.79
CA THR A 123 -26.95 6.77 22.84
C THR A 123 -26.26 6.43 24.16
N GLN A 124 -26.28 5.15 24.49
CA GLN A 124 -25.67 4.63 25.72
C GLN A 124 -24.18 4.97 25.75
N LEU A 125 -23.50 4.63 24.67
CA LEU A 125 -22.07 4.84 24.58
C LEU A 125 -21.70 6.32 24.62
N SER A 126 -22.53 7.18 24.03
CA SER A 126 -22.24 8.61 23.98
C SER A 126 -22.40 9.29 25.33
N ASN A 127 -23.32 8.79 26.13
CA ASN A 127 -23.55 9.36 27.47
C ASN A 127 -22.44 9.03 28.44
N ASN A 128 -21.75 7.90 28.20
CA ASN A 128 -20.67 7.41 29.06
C ASN A 128 -19.27 7.78 28.61
N LEU A 129 -19.15 8.60 27.58
CA LEU A 129 -17.84 8.86 27.02
C LEU A 129 -16.86 9.64 27.82
N ASP A 130 -17.27 10.78 28.39
CA ASP A 130 -16.32 11.60 29.15
C ASP A 130 -15.20 12.00 28.18
N LEU A 131 -15.57 12.77 27.18
CA LEU A 131 -14.67 13.14 26.09
C LEU A 131 -13.61 14.25 26.39
N PRO A 132 -13.81 15.08 27.45
CA PRO A 132 -12.74 16.07 27.68
C PRO A 132 -11.41 15.41 28.04
N ARG A 133 -11.48 14.36 28.85
CA ARG A 133 -10.28 13.61 29.28
C ARG A 133 -9.69 12.92 28.06
N LEU A 134 -10.53 12.24 27.30
CA LEU A 134 -10.05 11.59 26.10
C LEU A 134 -9.47 12.62 25.13
N LEU A 135 -10.31 13.47 24.56
CA LEU A 135 -9.86 14.51 23.64
C LEU A 135 -9.36 15.74 24.41
N ASP A 139 -0.79 12.58 24.98
CA ASP A 139 -0.87 11.62 23.88
C ASP A 139 0.12 11.93 22.72
N PRO A 140 1.05 10.99 22.42
CA PRO A 140 2.15 11.30 21.47
C PRO A 140 1.76 11.62 20.01
N VAL A 141 0.83 10.87 19.44
CA VAL A 141 0.43 11.10 18.05
C VAL A 141 -0.09 12.51 17.88
N THR A 142 -1.01 12.91 18.73
CA THR A 142 -1.53 14.25 18.68
C THR A 142 -0.39 15.24 18.79
N ALA A 143 0.45 15.03 19.78
CA ALA A 143 1.53 15.94 20.05
C ALA A 143 2.40 16.06 18.83
N TRP A 144 2.73 14.93 18.24
CA TRP A 144 3.56 14.96 17.07
C TRP A 144 2.95 15.82 15.96
N LEU A 145 1.63 15.77 15.81
CA LEU A 145 1.00 16.55 14.81
C LEU A 145 1.20 18.04 14.99
N GLN A 146 1.20 18.55 16.22
CA GLN A 146 1.51 20.00 16.38
C GLN A 146 2.95 20.32 16.00
N GLU A 147 3.91 19.57 16.54
CA GLU A 147 5.31 19.86 16.28
C GLU A 147 5.74 19.69 14.82
N ALA A 148 5.19 18.68 14.16
CA ALA A 148 5.60 18.34 12.80
C ALA A 148 4.87 19.06 11.67
N SER A 149 3.85 19.83 12.03
CA SER A 149 3.03 20.45 11.05
C SER A 149 3.80 21.26 9.99
N SER A 150 4.80 22.05 10.38
CA SER A 150 5.52 22.83 9.36
C SER A 150 6.21 21.98 8.28
N GLU A 151 7.03 21.04 8.73
CA GLU A 151 7.70 20.10 7.84
C GLU A 151 6.69 19.43 6.87
N LEU A 152 5.57 18.98 7.40
CA LEU A 152 4.59 18.32 6.58
C LEU A 152 3.99 19.16 5.50
N GLY A 153 3.84 20.45 5.79
CA GLY A 153 3.23 21.34 4.85
C GLY A 153 4.15 21.52 3.67
N LYS A 154 5.42 21.79 3.96
CA LYS A 154 6.39 21.98 2.92
C LYS A 154 6.50 20.75 2.01
N LEU A 155 6.75 19.60 2.63
CA LEU A 155 7.00 18.41 1.88
C LEU A 155 5.91 18.12 0.88
N VAL A 156 4.67 18.05 1.36
CA VAL A 156 3.57 17.64 0.48
C VAL A 156 3.23 18.60 -0.66
N ARG A 157 3.40 19.89 -0.42
CA ARG A 157 3.05 20.90 -1.42
C ARG A 157 4.14 21.04 -2.48
N SER A 158 5.35 20.58 -2.15
CA SER A 158 6.53 20.77 -3.01
C SER A 158 6.91 19.59 -3.90
N LEU A 159 6.12 18.52 -3.90
CA LEU A 159 6.46 17.34 -4.66
C LEU A 159 6.50 17.51 -6.23
N PRO A 160 7.57 16.99 -6.86
CA PRO A 160 7.64 17.10 -8.32
C PRO A 160 6.39 16.51 -8.98
N GLY A 161 5.86 15.44 -8.38
CA GLY A 161 4.66 14.81 -8.85
C GLY A 161 3.67 14.71 -7.71
N PRO A 162 2.53 15.38 -7.89
CA PRO A 162 1.50 15.42 -6.91
C PRO A 162 1.02 14.04 -6.42
N VAL A 163 0.76 13.96 -5.11
CA VAL A 163 0.19 12.80 -4.49
C VAL A 163 -1.31 13.12 -4.35
N GLY A 164 -2.03 12.16 -3.81
CA GLY A 164 -3.46 12.25 -3.66
C GLY A 164 -3.97 13.20 -2.58
N ASN A 165 -3.39 13.13 -1.39
CA ASN A 165 -3.83 13.91 -0.20
C ASN A 165 -2.80 13.74 0.89
N ILE A 166 -2.63 14.75 1.71
CA ILE A 166 -1.71 14.64 2.82
C ILE A 166 -2.06 13.45 3.75
N SER A 167 -3.29 12.97 3.72
CA SER A 167 -3.60 11.70 4.39
C SER A 167 -2.66 10.56 4.01
N GLN A 168 -2.21 10.53 2.77
CA GLN A 168 -1.31 9.46 2.33
C GLN A 168 0.03 9.48 3.03
N LEU A 169 0.55 10.66 3.25
CA LEU A 169 1.74 10.80 4.05
C LEU A 169 1.54 10.37 5.48
N LEU A 170 0.43 10.79 6.10
CA LEU A 170 0.17 10.53 7.51
C LEU A 170 -0.02 9.06 7.75
N LEU A 171 -0.74 8.43 6.82
CA LEU A 171 -0.92 6.99 6.85
C LEU A 171 0.42 6.32 7.07
N THR A 172 1.43 6.64 6.25
CA THR A 172 2.72 5.95 6.36
C THR A 172 3.64 6.50 7.44
N LEU A 173 3.41 7.72 7.92
CA LEU A 173 4.20 8.27 9.04
C LEU A 173 3.63 7.90 10.40
N LEU A 174 2.33 7.64 10.47
CA LEU A 174 1.69 7.35 11.74
C LEU A 174 0.93 6.05 11.74
N PRO A 175 1.58 4.94 11.38
CA PRO A 175 0.91 3.65 11.41
C PRO A 175 0.69 3.23 12.85
N ARG A 176 -0.19 2.26 13.07
CA ARG A 176 -0.41 1.82 14.45
C ARG A 176 0.88 1.61 15.31
N GLN A 182 -3.69 4.93 24.04
CA GLN A 182 -4.49 5.57 22.97
C GLN A 182 -5.96 5.34 23.28
N PRO A 183 -6.42 5.77 24.46
CA PRO A 183 -7.78 5.50 24.90
C PRO A 183 -8.87 5.59 23.84
N LEU A 184 -8.87 6.69 23.11
CA LEU A 184 -9.93 6.98 22.18
C LEU A 184 -9.93 6.02 21.00
N GLU A 185 -8.79 5.87 20.38
CA GLU A 185 -8.63 5.03 19.26
C GLU A 185 -8.98 3.55 19.56
N ASP A 186 -8.72 3.14 20.80
CA ASP A 186 -9.01 1.78 21.25
C ASP A 186 -10.50 1.58 21.45
N LEU A 187 -11.11 2.47 22.24
CA LEU A 187 -12.54 2.45 22.43
C LEU A 187 -13.25 2.34 21.07
N ILE A 188 -12.92 3.25 20.16
CA ILE A 188 -13.50 3.23 18.83
C ILE A 188 -13.24 1.86 18.17
N ARG A 189 -12.00 1.42 18.20
CA ARG A 189 -11.66 0.18 17.53
C ARG A 189 -12.37 -1.04 18.10
N ASN A 190 -12.52 -1.10 19.43
CA ASN A 190 -13.23 -2.21 20.07
C ASN A 190 -14.70 -2.19 19.70
N GLU A 191 -15.31 -1.02 19.85
CA GLU A 191 -16.73 -0.86 19.60
C GLU A 191 -17.11 -1.13 18.14
N SER A 192 -16.29 -0.70 17.19
CA SER A 192 -16.60 -0.98 15.77
C SER A 192 -16.46 -2.48 15.46
N ARG A 193 -15.41 -3.09 15.98
CA ARG A 193 -15.18 -4.56 15.86
C ARG A 193 -16.42 -5.34 16.35
N GLN A 194 -16.79 -5.11 17.62
CA GLN A 194 -17.90 -5.82 18.24
C GLN A 194 -19.13 -5.67 17.37
N SER A 195 -19.47 -4.42 17.08
CA SER A 195 -20.63 -4.09 16.23
C SER A 195 -20.58 -4.79 14.90
N ILE A 196 -19.44 -4.73 14.22
CA ILE A 196 -19.29 -5.39 12.92
C ILE A 196 -19.44 -6.89 12.99
N LEU A 197 -18.76 -7.51 13.96
CA LEU A 197 -18.86 -8.97 14.11
C LEU A 197 -20.30 -9.40 14.31
N ALA A 198 -20.97 -8.75 15.25
CA ALA A 198 -22.37 -9.04 15.52
C ALA A 198 -23.14 -9.02 14.19
N HIS A 199 -22.98 -7.95 13.42
CA HIS A 199 -23.70 -7.84 12.15
C HIS A 199 -23.31 -8.95 11.21
N ILE A 200 -22.02 -9.22 11.08
CA ILE A 200 -21.60 -10.32 10.21
C ILE A 200 -22.28 -11.60 10.64
N ALA A 201 -22.33 -11.86 11.96
CA ALA A 201 -22.96 -13.08 12.49
C ALA A 201 -24.45 -13.18 12.16
N GLY A 202 -25.13 -12.04 12.07
CA GLY A 202 -26.55 -12.03 11.74
C GLY A 202 -26.85 -12.46 10.32
N MET A 203 -25.83 -12.60 9.49
CA MET A 203 -26.06 -13.01 8.11
C MET A 203 -26.51 -14.49 8.04
N PRO A 204 -27.18 -14.87 6.93
CA PRO A 204 -27.53 -16.29 6.83
C PRO A 204 -26.28 -17.18 6.86
N PRO A 205 -26.31 -18.27 7.66
CA PRO A 205 -25.13 -19.13 7.64
C PRO A 205 -24.86 -19.63 6.21
N ALA A 206 -25.93 -19.69 5.41
CA ALA A 206 -25.93 -20.13 4.01
C ALA A 206 -24.60 -19.99 3.26
N ASN A 207 -24.43 -18.90 2.50
CA ASN A 207 -23.22 -18.74 1.70
C ASN A 207 -22.16 -17.92 2.41
N ARG A 208 -22.39 -16.63 2.55
CA ARG A 208 -21.40 -15.73 3.14
C ARG A 208 -20.17 -15.65 2.26
N PRO A 209 -20.09 -14.58 1.43
CA PRO A 209 -18.97 -14.43 0.49
C PRO A 209 -17.63 -14.54 1.20
N PRO A 210 -16.66 -15.18 0.56
CA PRO A 210 -15.34 -15.31 1.18
C PRO A 210 -14.83 -13.93 1.62
N GLU A 211 -15.19 -12.92 0.85
CA GLU A 211 -14.84 -11.54 1.14
C GLU A 211 -15.11 -11.14 2.60
N VAL A 212 -16.33 -11.42 3.07
CA VAL A 212 -16.72 -11.00 4.41
C VAL A 212 -16.15 -11.90 5.49
N THR A 213 -16.17 -13.20 5.27
CA THR A 213 -15.70 -14.11 6.27
C THR A 213 -14.22 -13.80 6.58
N ALA A 214 -13.45 -13.43 5.56
CA ALA A 214 -12.03 -13.07 5.76
C ALA A 214 -11.87 -11.79 6.59
N ILE A 215 -12.79 -10.84 6.44
CA ILE A 215 -12.76 -9.64 7.31
C ILE A 215 -13.03 -10.09 8.75
N ALA A 216 -14.03 -10.97 8.91
CA ALA A 216 -14.42 -11.52 10.21
C ALA A 216 -13.27 -12.17 10.95
N GLU A 217 -12.47 -12.93 10.22
CA GLU A 217 -11.33 -13.61 10.82
C GLU A 217 -10.31 -12.61 11.30
N ARG A 218 -9.93 -11.74 10.38
CA ARG A 218 -8.94 -10.70 10.64
C ARG A 218 -9.32 -9.90 11.88
N LEU A 219 -10.60 -9.62 12.03
CA LEU A 219 -11.07 -8.81 13.16
C LEU A 219 -11.11 -9.57 14.48
N SER A 220 -11.48 -10.85 14.42
CA SER A 220 -11.56 -11.72 15.59
C SER A 220 -10.23 -11.74 16.32
N ALA A 221 -9.17 -12.02 15.58
CA ALA A 221 -7.82 -12.01 16.14
C ALA A 221 -7.60 -10.76 16.99
N GLY A 222 -7.90 -9.62 16.41
CA GLY A 222 -7.69 -8.35 17.09
C GLY A 222 -7.36 -7.20 16.17
N GLY A 223 -7.51 -7.39 14.86
CA GLY A 223 -7.27 -6.33 13.87
C GLY A 223 -8.43 -5.36 13.85
N GLY A 224 -8.16 -4.11 13.55
CA GLY A 224 -9.21 -3.09 13.52
C GLY A 224 -9.80 -2.99 12.14
N ALA A 225 -11.00 -2.45 12.04
CA ALA A 225 -11.61 -2.24 10.74
C ALA A 225 -10.90 -1.12 9.95
N THR A 226 -10.77 -1.33 8.64
CA THR A 226 -10.24 -0.31 7.76
C THR A 226 -11.37 0.22 6.92
N PHE A 227 -11.08 1.28 6.18
CA PHE A 227 -12.05 1.88 5.28
C PHE A 227 -12.44 0.91 4.19
N ARG A 228 -11.50 0.08 3.72
CA ARG A 228 -11.81 -0.89 2.68
C ARG A 228 -12.74 -1.95 3.19
N ASP A 229 -12.61 -2.34 4.46
CA ASP A 229 -13.49 -3.34 5.01
C ASP A 229 -14.88 -2.83 4.97
N LEU A 230 -15.04 -1.59 5.44
CA LEU A 230 -16.35 -0.97 5.48
C LEU A 230 -16.99 -0.96 4.09
N GLU A 231 -16.28 -0.48 3.09
CA GLU A 231 -16.79 -0.48 1.71
C GLU A 231 -17.30 -1.87 1.28
N VAL A 232 -16.44 -2.88 1.45
CA VAL A 232 -16.77 -4.27 1.10
C VAL A 232 -17.98 -4.81 1.87
N LEU A 233 -17.95 -4.59 3.18
CA LEU A 233 -19.02 -5.02 4.03
C LEU A 233 -20.36 -4.35 3.69
N SER A 234 -20.32 -3.06 3.33
CA SER A 234 -21.56 -2.32 2.98
C SER A 234 -22.31 -2.91 1.78
N ARG A 235 -21.58 -3.55 0.88
CA ARG A 235 -22.22 -4.18 -0.29
C ARG A 235 -23.16 -5.33 0.12
N HIS A 236 -22.86 -6.00 1.22
CA HIS A 236 -23.63 -7.18 1.61
C HIS A 236 -24.44 -7.01 2.87
N ILE A 237 -24.14 -5.94 3.63
CA ILE A 237 -24.79 -5.67 4.92
C ILE A 237 -25.19 -4.19 4.94
N PRO A 238 -26.48 -3.91 4.70
CA PRO A 238 -27.00 -2.56 4.66
C PRO A 238 -26.76 -1.72 5.90
N ALA A 239 -26.65 -2.32 7.08
CA ALA A 239 -26.42 -1.55 8.30
C ALA A 239 -24.98 -0.97 8.40
N ILE A 240 -24.01 -1.58 7.74
CA ILE A 240 -22.65 -1.09 7.72
C ILE A 240 -22.51 -0.09 6.55
N LYS A 241 -21.86 1.03 6.81
CA LYS A 241 -21.79 2.11 5.84
C LYS A 241 -20.38 2.44 5.40
N GLN A 242 -20.22 2.98 4.22
CA GLN A 242 -18.88 3.45 3.88
C GLN A 242 -18.59 4.65 4.74
N LEU A 243 -17.33 4.99 4.89
CA LEU A 243 -16.96 6.06 5.81
C LEU A 243 -15.96 7.00 5.21
N ASN A 244 -16.20 8.30 5.43
CA ASN A 244 -15.24 9.35 5.15
C ASN A 244 -14.94 10.06 6.42
N ILE A 245 -13.69 10.16 6.75
CA ILE A 245 -13.27 10.95 7.84
C ILE A 245 -12.48 12.13 7.25
N THR A 246 -12.83 13.33 7.70
CA THR A 246 -12.28 14.53 7.12
C THR A 246 -11.84 15.53 8.13
N GLY A 247 -10.98 16.44 7.74
CA GLY A 247 -10.62 17.51 8.63
C GLY A 247 -9.70 18.52 8.05
N THR A 248 -9.53 19.61 8.76
CA THR A 248 -8.70 20.67 8.25
C THR A 248 -7.66 21.09 9.23
N GLY A 249 -6.41 21.04 8.82
CA GLY A 249 -5.33 21.41 9.67
C GLY A 249 -4.59 22.59 9.12
N MET A 250 -3.72 23.15 9.94
CA MET A 250 -2.84 24.24 9.52
C MET A 250 -1.40 23.73 9.45
N PHE A 251 -0.78 23.86 8.28
CA PHE A 251 0.52 23.33 8.06
C PHE A 251 1.31 24.38 7.34
N ASP A 252 2.35 24.91 7.99
CA ASP A 252 3.24 25.89 7.39
C ASP A 252 2.47 27.16 6.94
N GLY A 253 1.49 27.56 7.74
CA GLY A 253 0.71 28.77 7.47
C GLY A 253 -0.46 28.64 6.51
N ARG A 254 -0.71 27.43 5.98
CA ARG A 254 -1.80 27.22 5.03
C ARG A 254 -2.71 26.06 5.53
N PRO A 255 -4.03 26.24 5.43
CA PRO A 255 -4.91 25.14 5.71
C PRO A 255 -4.86 24.06 4.65
N GLN A 256 -4.98 22.80 5.10
CA GLN A 256 -5.05 21.62 4.23
C GLN A 256 -6.21 20.74 4.62
N LEU A 257 -7.00 20.35 3.62
CA LEU A 257 -8.03 19.37 3.84
C LEU A 257 -7.39 18.01 3.92
N VAL A 258 -7.60 17.33 5.02
CA VAL A 258 -7.14 15.98 5.17
C VAL A 258 -8.35 15.07 4.93
N VAL A 259 -8.18 14.00 4.16
CA VAL A 259 -9.32 13.10 3.85
C VAL A 259 -8.93 11.62 3.88
N PHE A 260 -9.59 10.88 4.73
CA PHE A 260 -9.39 9.46 4.81
C PHE A 260 -10.66 8.80 4.30
N ASN A 261 -10.53 7.81 3.46
CA ASN A 261 -11.66 7.03 2.95
C ASN A 261 -11.16 5.80 2.13
N ALA A 262 -12.07 5.03 1.55
CA ALA A 262 -11.65 3.80 0.87
C ALA A 262 -10.82 4.04 -0.38
N ASN A 263 -11.01 5.19 -1.00
N ASN A 263 -11.01 5.20 -1.00
CA ASN A 263 -10.27 5.49 -2.22
CA ASN A 263 -10.28 5.57 -2.22
C ASN A 263 -8.82 5.98 -1.99
C ASN A 263 -8.82 5.97 -1.97
N LEU A 264 -8.59 6.84 -1.00
CA LEU A 264 -7.24 7.35 -0.75
C LEU A 264 -6.41 6.53 0.25
N THR A 265 -7.09 5.92 1.23
CA THR A 265 -6.43 5.24 2.36
C THR A 265 -7.20 3.97 2.73
N PRO A 266 -7.39 3.08 1.74
CA PRO A 266 -8.16 1.88 1.91
C PRO A 266 -7.75 1.03 3.09
N ASP A 267 -6.44 0.83 3.28
CA ASP A 267 -5.98 -0.07 4.31
C ASP A 267 -5.73 0.61 5.67
N MET A 268 -6.24 1.80 5.86
CA MET A 268 -6.00 2.47 7.11
C MET A 268 -7.06 2.17 8.15
N ASP A 269 -6.61 2.06 9.38
CA ASP A 269 -7.45 1.80 10.52
C ASP A 269 -8.30 3.01 10.74
N ILE A 270 -9.59 2.79 10.95
CA ILE A 270 -10.52 3.92 11.09
C ILE A 270 -10.36 4.67 12.40
N GLY A 271 -9.95 3.96 13.44
CA GLY A 271 -9.77 4.56 14.76
C GLY A 271 -8.66 5.57 14.73
N ARG A 272 -7.56 5.14 14.15
CA ARG A 272 -6.39 5.99 13.98
C ARG A 272 -6.77 7.22 13.13
N ALA A 273 -7.56 7.01 12.06
CA ALA A 273 -7.99 8.09 11.18
C ALA A 273 -8.76 9.12 11.93
N ALA A 274 -9.63 8.65 12.82
CA ALA A 274 -10.51 9.49 13.62
C ALA A 274 -9.72 10.27 14.67
N LEU A 275 -8.70 9.64 15.22
CA LEU A 275 -7.89 10.30 16.20
C LEU A 275 -7.17 11.48 15.52
N ILE A 276 -6.61 11.19 14.34
CA ILE A 276 -5.83 12.18 13.58
C ILE A 276 -6.77 13.32 13.25
N SER A 277 -7.93 12.94 12.78
CA SER A 277 -8.88 13.91 12.38
C SER A 277 -9.18 14.86 13.47
N GLY A 278 -9.40 14.35 14.67
CA GLY A 278 -9.75 15.18 15.79
C GLY A 278 -8.62 16.06 16.32
N ALA A 279 -7.37 15.69 16.07
CA ALA A 279 -6.24 16.42 16.59
C ALA A 279 -5.58 17.30 15.62
N LEU A 280 -6.17 17.64 14.49
CA LEU A 280 -5.38 18.43 13.52
C LEU A 280 -4.84 19.78 14.08
N PRO A 281 -3.58 20.12 13.73
CA PRO A 281 -2.95 21.33 14.24
C PRO A 281 -3.65 22.59 13.76
N GLY A 282 -3.89 23.49 14.69
CA GLY A 282 -4.28 24.87 14.39
C GLY A 282 -2.95 25.55 14.29
N ARG A 320 -25.69 3.63 -9.34
CA ARG A 320 -27.10 3.26 -9.37
C ARG A 320 -27.93 4.14 -10.29
N SER A 321 -27.77 5.46 -10.11
CA SER A 321 -28.49 6.53 -10.82
C SER A 321 -27.63 7.29 -11.89
N PHE A 322 -28.26 8.24 -12.59
CA PHE A 322 -27.71 8.91 -13.79
C PHE A 322 -27.13 10.35 -13.52
N PRO A 323 -25.80 10.50 -13.55
CA PRO A 323 -25.16 11.81 -13.25
C PRO A 323 -25.62 12.97 -14.16
N GLU A 324 -25.91 12.63 -15.41
CA GLU A 324 -26.36 13.55 -16.45
C GLU A 324 -27.81 14.01 -16.25
N SER A 325 -28.58 13.23 -15.49
CA SER A 325 -29.98 13.51 -15.35
C SER A 325 -30.34 14.42 -14.18
N PRO A 326 -31.34 15.28 -14.38
CA PRO A 326 -31.78 16.07 -13.28
C PRO A 326 -32.65 15.29 -12.28
N LEU A 327 -33.13 14.09 -12.64
CA LEU A 327 -33.97 13.27 -11.75
C LEU A 327 -33.14 12.33 -10.94
N GLY A 328 -31.88 12.21 -11.29
CA GLY A 328 -30.93 11.39 -10.50
C GLY A 328 -30.18 12.32 -9.54
N LYS A 329 -30.74 12.55 -8.36
CA LYS A 329 -30.14 13.46 -7.39
C LYS A 329 -30.05 12.83 -6.04
N ASP A 330 -28.88 12.89 -5.43
CA ASP A 330 -28.70 12.34 -4.11
C ASP A 330 -29.14 13.31 -3.04
N GLU A 331 -29.60 12.76 -1.94
CA GLU A 331 -30.01 13.56 -0.83
C GLU A 331 -28.94 13.36 0.27
N ALA A 332 -28.59 14.46 0.92
CA ALA A 332 -27.73 14.39 2.06
C ALA A 332 -28.50 14.85 3.31
N LEU A 333 -27.97 14.53 4.48
CA LEU A 333 -28.44 15.13 5.70
C LEU A 333 -27.14 15.66 6.29
N ILE A 334 -27.03 16.97 6.44
CA ILE A 334 -25.81 17.57 6.88
C ILE A 334 -26.11 18.09 8.21
N VAL A 335 -25.37 17.69 9.21
CA VAL A 335 -25.78 18.04 10.63
C VAL A 335 -24.85 19.02 11.22
N LYS A 336 -25.35 20.24 11.46
CA LYS A 336 -24.60 21.32 12.08
C LYS A 336 -25.18 21.74 13.41
N PHE A 337 -24.43 22.57 14.12
CA PHE A 337 -24.91 23.09 15.39
C PHE A 337 -25.24 24.60 15.33
N GLU A 338 -26.19 25.01 16.17
CA GLU A 338 -26.72 26.42 16.26
C GLU A 338 -25.72 27.60 16.22
N ASP A 373 -24.69 26.02 -7.64
CA ASP A 373 -26.11 25.64 -7.47
C ASP A 373 -26.40 24.45 -6.52
N ARG A 374 -25.40 23.62 -6.24
CA ARG A 374 -25.51 22.62 -5.18
C ARG A 374 -25.41 23.41 -3.89
N LEU A 375 -25.17 24.72 -3.96
CA LEU A 375 -25.03 25.56 -2.76
C LEU A 375 -26.32 25.64 -1.95
N GLN A 376 -27.45 25.81 -2.65
CA GLN A 376 -28.75 25.88 -1.97
C GLN A 376 -29.27 24.51 -1.66
N ALA A 377 -28.85 23.53 -2.46
CA ALA A 377 -29.23 22.16 -2.22
C ALA A 377 -28.59 21.75 -0.91
N PHE A 378 -27.35 22.16 -0.75
CA PHE A 378 -26.57 21.92 0.44
C PHE A 378 -27.30 22.53 1.64
N SER A 379 -27.79 23.76 1.51
CA SER A 379 -28.40 24.38 2.69
C SER A 379 -29.81 23.88 2.95
N GLU A 380 -30.53 23.46 1.91
CA GLU A 380 -31.85 22.86 2.10
C GLU A 380 -31.72 21.49 2.79
N GLN A 381 -30.56 20.86 2.59
CA GLN A 381 -30.31 19.56 3.14
C GLN A 381 -29.61 19.61 4.48
N THR A 382 -29.48 20.81 5.03
CA THR A 382 -28.73 21.01 6.24
C THR A 382 -29.70 21.14 7.39
N VAL A 383 -29.41 20.48 8.52
CA VAL A 383 -30.24 20.64 9.71
C VAL A 383 -29.36 21.16 10.84
N THR A 384 -29.89 22.14 11.56
CA THR A 384 -29.15 22.81 12.64
C THR A 384 -29.69 22.43 14.02
N LEU A 385 -28.92 21.64 14.74
CA LEU A 385 -29.35 21.16 16.03
C LEU A 385 -29.30 22.32 17.02
N PRO A 386 -30.41 22.58 17.71
CA PRO A 386 -30.45 23.68 18.65
C PRO A 386 -29.69 23.40 19.95
N LEU A 387 -29.01 24.42 20.47
CA LEU A 387 -28.26 24.29 21.73
C LEU A 387 -28.87 25.09 22.86
N ASN A 388 -29.91 25.88 22.58
CA ASN A 388 -30.52 26.76 23.56
C ASN A 388 -32.05 26.64 23.67
N SER A 389 -32.55 26.46 24.89
CA SER A 389 -34.00 26.34 25.17
C SER A 389 -34.31 26.63 26.66
N ASP A 390 -35.59 26.53 27.03
CA ASP A 390 -36.05 26.66 28.42
C ASP A 390 -35.30 25.72 29.37
N LYS A 391 -35.03 24.50 28.91
CA LYS A 391 -34.33 23.51 29.73
C LYS A 391 -32.81 23.75 29.84
N GLY A 392 -32.33 24.85 29.25
CA GLY A 392 -30.92 25.21 29.34
C GLY A 392 -30.33 25.75 28.07
N ASP A 393 -29.22 26.46 28.21
CA ASP A 393 -28.47 27.04 27.12
C ASP A 393 -27.12 26.34 27.09
N PHE A 394 -26.91 25.40 26.19
CA PHE A 394 -25.64 24.73 26.16
C PHE A 394 -24.70 25.19 25.03
N ARG A 395 -24.93 26.40 24.50
CA ARG A 395 -24.03 27.00 23.46
C ARG A 395 -22.53 27.05 23.83
N GLY A 396 -22.22 27.13 25.12
CA GLY A 396 -20.82 26.98 25.58
C GLY A 396 -20.13 25.68 25.14
N LEU A 397 -20.93 24.64 24.84
CA LEU A 397 -20.37 23.41 24.27
C LEU A 397 -19.70 23.66 22.90
N LEU A 398 -19.33 24.92 22.59
CA LEU A 398 -18.67 25.27 21.33
C LEU A 398 -17.21 25.67 21.55
N PHE A 404 -18.99 22.31 30.93
CA PHE A 404 -18.94 21.68 32.26
C PHE A 404 -19.61 20.29 32.24
N THR A 405 -19.65 19.61 33.38
CA THR A 405 -20.29 18.28 33.50
C THR A 405 -21.84 18.34 33.43
N MET A 406 -22.42 17.98 32.29
CA MET A 406 -23.88 17.97 32.17
C MET A 406 -24.40 16.73 32.87
N THR A 407 -25.57 16.87 33.47
CA THR A 407 -26.25 15.79 34.14
C THR A 407 -26.87 14.88 33.09
N PRO A 408 -27.24 13.62 33.47
CA PRO A 408 -27.90 12.68 32.53
C PRO A 408 -29.19 13.24 31.97
N GLU A 409 -29.87 14.03 32.79
CA GLU A 409 -31.11 14.63 32.41
C GLU A 409 -30.89 15.70 31.33
N GLN A 410 -29.81 16.45 31.45
CA GLN A 410 -29.47 17.52 30.51
C GLN A 410 -29.11 16.94 29.13
N LYS A 411 -28.34 15.85 29.13
CA LYS A 411 -28.01 15.11 27.93
C LYS A 411 -29.29 14.55 27.27
N GLN A 412 -30.14 13.97 28.09
CA GLN A 412 -31.41 13.38 27.67
C GLN A 412 -32.27 14.46 27.04
N HIS A 413 -32.22 15.67 27.57
CA HIS A 413 -33.02 16.75 27.05
C HIS A 413 -32.50 17.28 25.66
N LEU A 414 -31.19 17.48 25.58
CA LEU A 414 -30.57 18.00 24.39
C LEU A 414 -30.78 16.99 23.26
N GLN A 415 -30.60 15.72 23.61
CA GLN A 415 -30.82 14.65 22.67
C GLN A 415 -32.25 14.64 22.16
N ALA A 416 -33.20 14.90 23.04
CA ALA A 416 -34.61 14.94 22.62
C ALA A 416 -34.92 16.20 21.74
N GLN A 417 -34.18 17.30 21.93
CA GLN A 417 -34.33 18.49 21.09
C GLN A 417 -33.84 18.20 19.67
N ALA A 418 -32.71 17.53 19.59
CA ALA A 418 -32.14 17.13 18.34
C ALA A 418 -33.09 16.19 17.60
N ARG A 419 -33.64 15.23 18.35
CA ARG A 419 -34.55 14.23 17.77
C ARG A 419 -35.70 14.91 17.10
N GLN A 420 -36.29 15.87 17.81
CA GLN A 420 -37.40 16.60 17.28
C GLN A 420 -37.04 17.41 16.02
N THR A 421 -35.89 18.09 16.05
CA THR A 421 -35.50 18.97 15.00
C THR A 421 -35.30 18.19 13.72
N VAL A 422 -34.56 17.11 13.82
CA VAL A 422 -34.28 16.26 12.72
C VAL A 422 -35.55 15.59 12.16
N SER A 423 -36.41 15.07 13.06
CA SER A 423 -37.71 14.54 12.63
C SER A 423 -38.44 15.63 11.86
N GLY A 424 -38.41 16.86 12.37
CA GLY A 424 -39.09 17.97 11.69
C GLY A 424 -38.48 18.20 10.32
N HIS A 425 -37.16 18.10 10.25
CA HIS A 425 -36.50 18.33 9.04
C HIS A 425 -36.83 17.22 8.03
N LEU A 426 -36.85 15.97 8.46
CA LEU A 426 -37.09 14.83 7.55
C LEU A 426 -38.49 14.89 7.02
N GLN A 427 -39.42 15.37 7.84
CA GLN A 427 -40.81 15.48 7.42
C GLN A 427 -40.96 16.57 6.38
N GLN A 428 -40.40 17.74 6.63
CA GLN A 428 -40.45 18.88 5.70
C GLN A 428 -39.86 18.51 4.36
N ARG A 429 -38.78 17.76 4.39
CA ARG A 429 -38.18 17.36 3.14
C ARG A 429 -39.19 16.53 2.27
N GLU A 430 -40.02 15.73 2.89
CA GLU A 430 -41.00 14.97 2.10
C GLU A 430 -42.06 15.84 1.39
N LEU A 431 -42.23 17.09 1.85
CA LEU A 431 -43.20 17.99 1.27
C LEU A 431 -42.65 18.82 0.05
N GLU A 432 -41.35 18.81 -0.18
CA GLU A 432 -40.83 19.63 -1.23
C GLU A 432 -41.15 18.97 -2.54
N ARG A 433 -41.30 19.79 -3.58
CA ARG A 433 -41.55 19.29 -4.93
C ARG A 433 -40.78 20.07 -5.92
N GLU A 434 -40.37 19.42 -6.98
CA GLU A 434 -39.59 20.05 -8.00
C GLU A 434 -40.14 19.58 -9.34
N ARG A 435 -40.21 20.49 -10.32
CA ARG A 435 -40.69 20.16 -11.65
C ARG A 435 -39.60 20.22 -12.71
N HIS A 436 -39.56 19.24 -13.59
CA HIS A 436 -38.57 19.17 -14.64
C HIS A 436 -39.29 19.00 -15.92
N GLU A 437 -39.00 19.82 -16.92
CA GLU A 437 -39.73 19.77 -18.18
C GLU A 437 -38.86 19.11 -19.24
N PHE A 438 -39.50 18.45 -20.20
CA PHE A 438 -38.82 17.75 -21.27
C PHE A 438 -39.61 17.90 -22.56
N PRO A 439 -38.93 17.94 -23.69
CA PRO A 439 -39.61 18.07 -24.98
C PRO A 439 -40.52 16.93 -25.26
N SER A 440 -40.27 15.76 -24.71
CA SER A 440 -41.19 14.64 -24.95
C SER A 440 -41.16 13.62 -23.85
N LEU A 441 -42.10 12.70 -23.93
CA LEU A 441 -42.16 11.63 -22.95
C LEU A 441 -40.92 10.78 -23.06
N ASN A 442 -40.39 10.60 -24.26
CA ASN A 442 -39.20 9.78 -24.39
C ASN A 442 -37.99 10.39 -23.65
N ASP A 443 -37.79 11.70 -23.77
CA ASP A 443 -36.67 12.38 -23.12
C ASP A 443 -36.77 12.33 -21.60
N ALA A 444 -37.98 12.38 -21.07
CA ALA A 444 -38.20 12.20 -19.65
C ALA A 444 -37.81 10.76 -19.24
N VAL A 445 -38.22 9.78 -20.04
CA VAL A 445 -37.85 8.38 -19.75
C VAL A 445 -36.35 8.20 -19.81
N MET A 446 -35.68 8.89 -20.73
CA MET A 446 -34.21 8.79 -20.82
C MET A 446 -33.53 9.36 -19.57
N ALA A 447 -34.22 10.26 -18.86
CA ALA A 447 -33.66 10.81 -17.64
C ALA A 447 -33.88 9.94 -16.38
N MET A 448 -34.65 8.87 -16.47
CA MET A 448 -34.97 8.03 -15.30
C MET A 448 -34.08 6.82 -15.26
N ASP A 449 -33.52 6.55 -14.08
CA ASP A 449 -32.70 5.34 -13.85
C ASP A 449 -33.59 4.13 -13.83
N ASP A 450 -33.02 2.94 -13.81
CA ASP A 450 -33.84 1.72 -13.96
C ASP A 450 -34.88 1.58 -12.87
N GLN A 451 -34.50 1.87 -11.64
CA GLN A 451 -35.43 1.75 -10.53
C GLN A 451 -36.65 2.65 -10.73
N MET A 452 -36.39 3.93 -11.04
CA MET A 452 -37.46 4.91 -11.22
C MET A 452 -38.33 4.50 -12.38
N LEU A 453 -37.72 4.02 -13.46
CA LEU A 453 -38.51 3.59 -14.63
C LEU A 453 -39.38 2.41 -14.32
N ALA A 454 -38.86 1.46 -13.56
CA ALA A 454 -39.67 0.31 -13.13
C ALA A 454 -40.91 0.77 -12.34
N SER A 455 -40.76 1.82 -11.52
CA SER A 455 -41.87 2.36 -10.72
C SER A 455 -43.08 2.74 -11.52
N VAL A 456 -42.86 3.29 -12.71
CA VAL A 456 -43.93 3.86 -13.51
C VAL A 456 -44.22 3.10 -14.77
N GLN A 457 -43.62 1.95 -14.89
CA GLN A 457 -43.69 1.16 -16.09
C GLN A 457 -45.08 0.76 -16.47
N VAL A 458 -45.89 0.35 -15.49
CA VAL A 458 -47.22 -0.16 -15.87
C VAL A 458 -48.09 0.96 -16.37
N ASP A 459 -48.06 2.09 -15.69
CA ASP A 459 -48.86 3.26 -16.11
C ASP A 459 -48.43 3.77 -17.49
N LEU A 460 -47.11 3.79 -17.72
CA LEU A 460 -46.58 4.26 -18.99
C LEU A 460 -46.82 3.35 -20.18
N GLN A 461 -46.90 2.03 -19.90
CA GLN A 461 -47.26 1.02 -20.93
C GLN A 461 -48.57 1.33 -21.58
N ASN A 462 -49.48 1.92 -20.82
CA ASN A 462 -50.82 2.26 -21.34
C ASN A 462 -50.85 3.48 -22.25
N ASP A 463 -49.69 4.08 -22.49
CA ASP A 463 -49.60 5.20 -23.41
C ASP A 463 -48.72 4.75 -24.57
N ALA A 464 -49.07 5.10 -25.81
CA ALA A 464 -48.28 4.64 -27.00
C ALA A 464 -46.85 5.13 -27.00
N ALA A 465 -46.66 6.43 -26.84
CA ALA A 465 -45.29 6.98 -26.73
C ALA A 465 -44.54 6.42 -25.54
N GLY A 466 -45.26 6.15 -24.46
CA GLY A 466 -44.66 5.54 -23.27
C GLY A 466 -44.15 4.15 -23.54
N ALA A 467 -44.91 3.41 -24.32
CA ALA A 467 -44.54 2.04 -24.65
C ALA A 467 -43.31 1.95 -25.58
N GLU A 468 -43.23 2.85 -26.55
CA GLU A 468 -42.08 2.93 -27.44
C GLU A 468 -40.85 3.29 -26.64
N ALA A 469 -40.97 4.22 -25.69
CA ALA A 469 -39.84 4.59 -24.83
C ALA A 469 -39.43 3.42 -23.92
N LEU A 470 -40.38 2.74 -23.28
CA LEU A 470 -40.03 1.53 -22.48
C LEU A 470 -39.38 0.45 -23.34
N ARG A 471 -39.83 0.29 -24.57
CA ARG A 471 -39.27 -0.72 -25.44
C ARG A 471 -37.81 -0.41 -25.68
N PHE A 472 -37.47 0.84 -25.98
CA PHE A 472 -36.07 1.16 -26.23
C PHE A 472 -35.24 0.83 -25.03
N ARG A 473 -35.77 1.11 -23.84
CA ARG A 473 -35.01 0.81 -22.62
C ARG A 473 -34.84 -0.68 -22.40
N LYS A 474 -35.87 -1.49 -22.72
CA LYS A 474 -35.72 -2.93 -22.56
C LYS A 474 -34.66 -3.41 -23.55
N ASP A 475 -34.73 -2.99 -24.81
CA ASP A 475 -33.71 -3.44 -25.74
C ASP A 475 -32.34 -3.00 -25.29
N ALA A 476 -32.20 -1.78 -24.77
CA ALA A 476 -30.88 -1.33 -24.34
C ALA A 476 -30.38 -2.12 -23.16
N GLN A 477 -31.26 -2.44 -22.17
CA GLN A 477 -30.86 -3.33 -21.09
C GLN A 477 -30.35 -4.65 -21.67
N GLN A 478 -30.98 -5.17 -22.72
CA GLN A 478 -30.50 -6.43 -23.28
C GLN A 478 -29.19 -6.31 -24.03
N ALA A 479 -29.00 -5.26 -24.81
CA ALA A 479 -27.78 -5.15 -25.57
C ALA A 479 -26.62 -4.90 -24.62
N LEU A 480 -26.83 -4.10 -23.56
CA LEU A 480 -25.73 -3.83 -22.58
C LEU A 480 -25.38 -5.10 -21.86
N GLN A 481 -26.40 -5.89 -21.53
CA GLN A 481 -26.14 -7.20 -20.89
C GLN A 481 -25.31 -8.07 -21.82
N ALA A 482 -25.66 -8.14 -23.11
CA ALA A 482 -24.88 -8.94 -24.09
C ALA A 482 -23.43 -8.45 -24.13
N LEU A 483 -23.23 -7.16 -24.01
CA LEU A 483 -21.87 -6.61 -24.06
C LEU A 483 -21.12 -7.03 -22.84
N ASP A 484 -21.76 -6.89 -21.68
CA ASP A 484 -21.10 -7.32 -20.44
C ASP A 484 -20.71 -8.80 -20.55
N THR A 485 -21.62 -9.61 -21.08
CA THR A 485 -21.35 -11.05 -21.23
C THR A 485 -20.17 -11.31 -22.13
N ALA A 486 -20.10 -10.63 -23.26
CA ALA A 486 -18.98 -10.85 -24.16
C ALA A 486 -17.64 -10.52 -23.51
N ILE A 487 -17.61 -9.50 -22.63
CA ILE A 487 -16.40 -9.13 -21.90
C ILE A 487 -16.06 -10.25 -20.94
N ALA A 488 -17.03 -10.72 -20.15
CA ALA A 488 -16.83 -11.88 -19.26
C ALA A 488 -16.26 -13.09 -20.02
N GLU A 489 -16.83 -13.40 -21.18
CA GLU A 489 -16.37 -14.49 -22.05
C GLU A 489 -14.90 -14.34 -22.44
N ALA A 490 -14.53 -13.18 -22.95
CA ALA A 490 -13.14 -12.92 -23.34
C ALA A 490 -12.18 -13.03 -22.16
N ASN A 491 -12.63 -12.67 -20.96
CA ASN A 491 -11.79 -12.76 -19.74
C ASN A 491 -11.57 -14.18 -19.24
N GLN A 492 -12.39 -15.13 -19.72
CA GLN A 492 -12.21 -16.55 -19.43
C GLN A 492 -11.00 -17.12 -20.16
N THR A 493 -10.50 -16.41 -21.17
CA THR A 493 -9.32 -16.86 -21.92
C THR A 493 -8.09 -15.96 -21.74
N SER A 494 -8.27 -14.74 -21.22
CA SER A 494 -7.16 -13.81 -21.02
C SER A 494 -7.56 -12.57 -20.24
N THR A 495 -6.71 -12.15 -19.30
CA THR A 495 -6.99 -10.94 -18.51
C THR A 495 -6.78 -9.66 -19.34
N SER A 496 -5.89 -9.69 -20.34
CA SER A 496 -5.75 -8.50 -21.21
C SER A 496 -6.83 -8.62 -22.25
N LEU A 497 -7.68 -7.62 -22.32
CA LEU A 497 -8.83 -7.64 -23.19
C LEU A 497 -8.55 -7.26 -24.63
N VAL A 498 -9.25 -7.96 -25.52
CA VAL A 498 -9.18 -7.71 -26.95
C VAL A 498 -10.59 -7.76 -27.51
N ILE A 499 -10.75 -7.20 -28.70
CA ILE A 499 -12.05 -7.19 -29.33
C ILE A 499 -12.22 -8.49 -30.07
N THR A 500 -12.77 -9.46 -29.35
CA THR A 500 -13.08 -10.77 -29.90
C THR A 500 -14.23 -10.63 -30.89
N PRO A 501 -14.54 -11.67 -31.67
CA PRO A 501 -15.68 -11.56 -32.59
C PRO A 501 -17.03 -11.31 -31.89
N LYS A 502 -17.26 -11.98 -30.78
CA LYS A 502 -18.52 -11.85 -30.06
C LYS A 502 -18.67 -10.43 -29.45
N LEU A 503 -17.54 -9.80 -29.16
CA LEU A 503 -17.55 -8.44 -28.60
C LEU A 503 -17.79 -7.39 -29.70
N ALA A 504 -17.12 -7.53 -30.83
CA ALA A 504 -17.41 -6.71 -32.00
C ALA A 504 -18.89 -6.81 -32.30
N SER A 505 -19.45 -8.00 -32.14
CA SER A 505 -20.86 -8.17 -32.47
C SER A 505 -21.73 -7.39 -31.53
N ALA A 506 -21.49 -7.54 -30.23
CA ALA A 506 -22.22 -6.72 -29.23
C ALA A 506 -22.07 -5.20 -29.43
N LEU A 507 -20.93 -4.72 -29.90
CA LEU A 507 -20.83 -3.26 -30.16
C LEU A 507 -21.64 -2.86 -31.40
N ARG A 508 -21.61 -3.69 -32.41
CA ARG A 508 -22.37 -3.42 -33.60
C ARG A 508 -23.82 -3.34 -33.21
N ASN A 509 -24.29 -4.27 -32.36
CA ASN A 509 -25.66 -4.28 -32.02
C ASN A 509 -26.04 -3.06 -31.27
N LEU A 510 -25.28 -2.74 -30.20
CA LEU A 510 -25.47 -1.46 -29.48
C LEU A 510 -25.51 -0.25 -30.39
N ASP A 511 -24.57 -0.11 -31.33
CA ASP A 511 -24.67 1.03 -32.27
C ASP A 511 -26.00 1.05 -33.05
N ALA A 512 -26.51 -0.12 -33.45
CA ALA A 512 -27.73 -0.16 -34.28
C ALA A 512 -28.98 0.20 -33.46
N LEU A 513 -28.88 0.03 -32.16
CA LEU A 513 -30.00 0.36 -31.29
C LEU A 513 -30.40 1.86 -31.34
N ALA A 514 -29.43 2.73 -31.46
CA ALA A 514 -29.71 4.17 -31.57
C ALA A 514 -30.76 4.58 -32.60
N ARG A 515 -31.72 5.39 -32.17
CA ARG A 515 -32.76 5.93 -33.05
C ARG A 515 -32.37 7.35 -33.55
N ARG A 516 -31.40 7.95 -32.86
CA ARG A 516 -30.99 9.32 -33.10
C ARG A 516 -29.67 9.50 -32.39
N PRO A 517 -28.98 10.63 -32.62
CA PRO A 517 -27.65 10.86 -32.02
C PRO A 517 -27.64 10.90 -30.50
N GLU A 518 -28.68 11.41 -29.88
CA GLU A 518 -28.78 11.42 -28.41
C GLU A 518 -28.61 10.00 -27.82
N ASP A 519 -29.16 8.98 -28.50
CA ASP A 519 -29.12 7.61 -27.98
C ASP A 519 -27.71 7.09 -27.93
N ILE A 520 -26.88 7.53 -28.89
CA ILE A 520 -25.49 7.12 -28.93
C ILE A 520 -24.80 7.68 -27.66
N GLU A 521 -24.95 9.00 -27.41
CA GLU A 521 -24.34 9.62 -26.24
C GLU A 521 -24.84 8.94 -24.98
N TRP A 522 -26.12 8.64 -24.95
CA TRP A 522 -26.72 8.05 -23.77
C TRP A 522 -26.12 6.66 -23.44
N LEU A 523 -26.03 5.81 -24.43
CA LEU A 523 -25.47 4.49 -24.24
C LEU A 523 -24.05 4.62 -23.82
N GLY A 524 -23.36 5.60 -24.39
CA GLY A 524 -21.98 5.84 -24.03
C GLY A 524 -21.81 6.19 -22.54
N LYS A 525 -22.76 6.92 -21.98
CA LYS A 525 -22.77 7.19 -20.55
C LYS A 525 -22.95 5.91 -19.81
N ARG A 526 -23.84 5.04 -20.28
CA ARG A 526 -24.14 3.77 -19.51
C ARG A 526 -22.94 2.90 -19.44
N LEU A 527 -22.11 2.97 -20.47
CA LEU A 527 -20.84 2.27 -20.46
C LEU A 527 -19.90 2.82 -19.41
N ASN A 528 -20.13 4.04 -18.89
CA ASN A 528 -19.29 4.64 -17.83
C ASN A 528 -19.88 4.40 -16.41
N ALA A 529 -20.84 3.50 -16.29
CA ALA A 529 -21.48 3.20 -14.97
C ALA A 529 -20.38 3.00 -13.98
N PRO A 530 -20.44 3.69 -12.86
CA PRO A 530 -19.31 3.64 -11.92
C PRO A 530 -18.65 2.32 -11.51
N GLY A 531 -19.37 1.36 -10.98
CA GLY A 531 -18.68 0.14 -10.51
C GLY A 531 -18.59 -1.01 -11.50
N GLN A 532 -18.75 -0.71 -12.77
CA GLN A 532 -18.87 -1.75 -13.74
C GLN A 532 -17.48 -2.05 -14.32
N ARG A 533 -16.87 -3.04 -13.72
CA ARG A 533 -15.51 -3.44 -14.01
C ARG A 533 -15.28 -3.82 -15.48
N ASN A 534 -16.14 -4.66 -16.02
CA ASN A 534 -15.99 -5.09 -17.39
C ASN A 534 -16.04 -3.91 -18.36
N PHE A 535 -16.98 -2.99 -18.13
CA PHE A 535 -17.07 -1.82 -18.94
C PHE A 535 -15.78 -0.99 -18.85
N GLN A 536 -15.24 -0.87 -17.65
CA GLN A 536 -13.99 -0.14 -17.46
C GLN A 536 -12.87 -0.74 -18.31
N GLN A 537 -12.69 -2.05 -18.29
CA GLN A 537 -11.63 -2.65 -19.13
C GLN A 537 -11.83 -2.31 -20.60
N LEU A 538 -13.08 -2.41 -21.03
CA LEU A 538 -13.39 -2.12 -22.42
C LEU A 538 -13.08 -0.67 -22.70
N LEU A 539 -13.42 0.23 -21.77
CA LEU A 539 -13.07 1.65 -21.98
C LEU A 539 -11.58 1.88 -22.10
N GLN A 540 -10.79 1.12 -21.37
CA GLN A 540 -9.31 1.26 -21.50
C GLN A 540 -8.87 0.86 -22.90
N VAL A 541 -9.35 -0.28 -23.37
CA VAL A 541 -9.04 -0.75 -24.71
C VAL A 541 -9.42 0.32 -25.71
N GLY A 542 -10.63 0.86 -25.54
CA GLY A 542 -11.11 1.90 -26.43
C GLY A 542 -10.16 3.07 -26.49
N THR A 543 -9.64 3.47 -25.33
CA THR A 543 -8.73 4.61 -25.21
C THR A 543 -7.51 4.54 -26.15
N LYS A 544 -7.15 3.34 -26.64
CA LYS A 544 -6.07 3.19 -27.64
C LYS A 544 -6.39 3.65 -29.06
N GLN A 545 -7.40 3.07 -29.69
CA GLN A 545 -7.75 3.45 -31.07
C GLN A 545 -8.40 4.84 -31.07
N GLY A 552 -12.44 -0.92 -36.19
CA GLY A 552 -11.82 -0.07 -35.18
C GLY A 552 -12.66 1.14 -34.79
N LEU A 553 -13.94 1.13 -35.15
CA LEU A 553 -14.83 2.25 -34.84
C LEU A 553 -16.30 1.83 -34.50
N SER A 554 -16.59 1.63 -33.20
CA SER A 554 -17.94 1.53 -32.69
C SER A 554 -18.31 2.96 -32.30
N LYS A 555 -19.46 3.44 -32.71
CA LYS A 555 -19.83 4.81 -32.37
C LYS A 555 -20.14 4.99 -30.92
N VAL A 556 -20.66 3.95 -30.29
CA VAL A 556 -20.97 4.05 -28.87
C VAL A 556 -19.69 4.03 -28.07
N LEU A 557 -18.70 3.27 -28.52
CA LEU A 557 -17.46 3.17 -27.79
C LEU A 557 -16.68 4.48 -27.85
N THR A 558 -16.53 5.02 -29.04
CA THR A 558 -15.84 6.28 -29.21
C THR A 558 -16.46 7.32 -28.27
N SER A 559 -17.78 7.28 -28.17
CA SER A 559 -18.53 8.24 -27.38
C SER A 559 -18.29 8.05 -25.92
N ALA A 560 -18.29 6.80 -25.49
CA ALA A 560 -18.11 6.45 -24.11
C ALA A 560 -16.71 6.79 -23.68
N VAL A 561 -15.74 6.66 -24.62
CA VAL A 561 -14.34 6.98 -24.35
C VAL A 561 -14.17 8.47 -24.15
N ALA A 562 -14.81 9.28 -25.00
CA ALA A 562 -14.81 10.73 -24.84
C ALA A 562 -15.50 11.13 -23.50
N GLU A 563 -16.56 10.43 -23.14
CA GLU A 563 -17.24 10.67 -21.86
C GLU A 563 -16.32 10.30 -20.67
N MET A 564 -15.52 9.25 -20.82
CA MET A 564 -14.63 8.84 -19.80
C MET A 564 -13.58 9.89 -19.53
N GLN A 565 -13.02 10.43 -20.61
CA GLN A 565 -11.97 11.43 -20.53
C GLN A 565 -12.55 12.72 -19.95
N LYS A 566 -13.78 13.04 -20.30
CA LYS A 566 -14.47 14.18 -19.73
C LYS A 566 -14.59 14.05 -18.20
N ARG A 567 -15.00 12.88 -17.72
CA ARG A 567 -15.13 12.63 -16.30
C ARG A 567 -13.80 12.67 -15.57
N ASP A 568 -12.76 12.15 -16.23
CA ASP A 568 -11.45 12.16 -15.67
C ASP A 568 -11.03 13.63 -15.38
N ILE A 569 -11.15 14.51 -16.35
CA ILE A 569 -10.74 15.89 -16.22
C ILE A 569 -11.50 16.50 -15.13
N GLY A 570 -12.78 16.20 -15.09
CA GLY A 570 -13.63 16.67 -13.98
C GLY A 570 -13.03 16.27 -12.63
N VAL A 571 -12.53 15.06 -12.53
CA VAL A 571 -11.97 14.54 -11.31
C VAL A 571 -10.62 15.18 -11.03
N LYS A 572 -9.82 15.43 -12.07
CA LYS A 572 -8.56 16.10 -11.82
C LYS A 572 -8.79 17.51 -11.32
N ALA A 573 -9.84 18.15 -11.82
CA ALA A 573 -10.13 19.52 -11.48
C ALA A 573 -10.50 19.61 -9.98
N GLU A 574 -11.34 18.69 -9.53
CA GLU A 574 -11.71 18.64 -8.10
C GLU A 574 -10.48 18.43 -7.25
N ASN A 575 -9.60 17.56 -7.70
CA ASN A 575 -8.42 17.31 -6.97
C ASN A 575 -7.48 18.48 -6.88
N PHE A 576 -7.33 19.21 -8.00
CA PHE A 576 -6.43 20.32 -8.10
C PHE A 576 -6.96 21.41 -7.20
N ILE A 577 -8.27 21.60 -7.25
CA ILE A 577 -8.96 22.55 -6.42
C ILE A 577 -8.73 22.31 -4.97
N ARG A 578 -8.90 21.10 -4.57
CA ARG A 578 -8.81 20.73 -3.14
C ARG A 578 -7.39 20.79 -2.63
N GLU A 579 -6.45 20.42 -3.46
CA GLU A 579 -5.07 20.21 -3.07
C GLU A 579 -4.11 21.37 -3.40
N VAL A 580 -4.48 22.24 -4.32
CA VAL A 580 -3.63 23.33 -4.69
C VAL A 580 -4.31 24.70 -4.48
N ILE A 581 -5.53 24.84 -4.91
CA ILE A 581 -6.20 26.10 -4.73
C ILE A 581 -6.61 26.38 -3.30
N TYR A 582 -7.31 25.42 -2.70
CA TYR A 582 -7.82 25.57 -1.36
C TYR A 582 -6.79 26.17 -0.36
N PRO A 583 -5.63 25.58 -0.20
CA PRO A 583 -4.61 26.15 0.67
C PRO A 583 -4.15 27.55 0.37
N SER A 584 -4.05 27.94 -0.92
CA SER A 584 -3.61 29.30 -1.27
C SER A 584 -4.74 30.27 -1.00
N LEU A 585 -5.93 29.87 -1.42
CA LEU A 585 -7.09 30.74 -1.36
C LEU A 585 -7.42 31.11 0.05
N TYR A 586 -7.32 30.14 0.97
CA TYR A 586 -7.62 30.39 2.38
C TYR A 586 -6.40 30.67 3.23
N ARG A 587 -5.29 30.99 2.59
CA ARG A 587 -4.10 31.34 3.30
C ARG A 587 -4.35 32.74 3.93
N PRO A 588 -4.25 32.85 5.27
CA PRO A 588 -4.32 34.16 5.97
C PRO A 588 -3.37 35.20 5.38
N GLY A 589 -3.92 36.33 4.95
CA GLY A 589 -3.10 37.41 4.34
C GLY A 589 -2.95 37.41 2.81
N GLN A 590 -3.50 36.42 2.15
CA GLN A 590 -3.42 36.31 0.68
C GLN A 590 -4.04 37.52 0.10
N PRO A 591 -3.28 38.27 -0.71
CA PRO A 591 -3.78 39.47 -1.37
C PRO A 591 -5.01 39.23 -2.21
N ALA A 592 -5.82 40.25 -2.31
CA ALA A 592 -7.12 40.16 -2.90
C ALA A 592 -7.12 39.74 -4.39
N ALA A 593 -6.12 40.21 -5.17
CA ALA A 593 -6.03 39.91 -6.56
C ALA A 593 -5.82 38.40 -6.77
N ASN A 594 -5.01 37.82 -5.89
CA ASN A 594 -4.78 36.36 -5.90
C ASN A 594 -6.06 35.60 -5.52
N VAL A 595 -6.84 36.13 -4.58
CA VAL A 595 -8.14 35.48 -4.20
C VAL A 595 -9.08 35.49 -5.39
N GLU A 596 -9.14 36.61 -6.06
CA GLU A 596 -9.98 36.79 -7.25
C GLU A 596 -9.52 35.80 -8.34
N LEU A 597 -8.22 35.71 -8.57
CA LEU A 597 -7.64 34.83 -9.60
C LEU A 597 -7.98 33.34 -9.32
N LEU A 598 -7.72 32.91 -8.08
CA LEU A 598 -8.01 31.56 -7.65
C LEU A 598 -9.50 31.21 -7.71
N GLN A 599 -10.35 32.16 -7.32
CA GLN A 599 -11.78 31.95 -7.45
C GLN A 599 -12.22 31.80 -8.90
N ARG A 600 -11.72 32.68 -9.77
CA ARG A 600 -12.01 32.57 -11.19
C ARG A 600 -11.55 31.18 -11.72
N ALA A 601 -10.39 30.71 -11.20
CA ALA A 601 -9.85 29.44 -11.60
C ALA A 601 -10.78 28.29 -11.22
N VAL A 602 -11.42 28.39 -10.06
CA VAL A 602 -12.34 27.35 -9.62
C VAL A 602 -13.54 27.20 -10.55
N ARG A 603 -14.21 28.29 -10.92
CA ARG A 603 -15.33 28.22 -11.88
C ARG A 603 -14.88 27.64 -13.22
N ASP A 604 -13.82 28.19 -13.79
CA ASP A 604 -13.36 27.73 -15.10
C ASP A 604 -13.07 26.24 -15.02
N LEU A 605 -12.49 25.78 -13.89
CA LEU A 605 -12.16 24.37 -13.74
C LEU A 605 -13.41 23.52 -13.68
N GLY A 606 -14.49 24.06 -13.12
CA GLY A 606 -15.72 23.33 -13.10
C GLY A 606 -16.32 23.23 -14.49
N GLU A 607 -15.75 23.95 -15.45
CA GLU A 607 -16.27 24.03 -16.79
C GLU A 607 -15.41 23.22 -17.77
N ALA A 608 -14.30 22.71 -17.28
CA ALA A 608 -13.32 22.08 -18.11
C ALA A 608 -13.60 20.62 -18.50
N THR A 609 -13.55 20.33 -19.79
CA THR A 609 -13.83 18.96 -20.26
C THR A 609 -12.64 18.27 -20.95
N THR A 610 -11.57 18.99 -21.18
CA THR A 610 -10.44 18.45 -21.92
C THR A 610 -9.15 18.87 -21.23
N PRO A 611 -8.05 18.20 -21.60
CA PRO A 611 -6.75 18.57 -21.10
C PRO A 611 -6.41 20.03 -21.48
N ALA A 612 -6.77 20.45 -22.69
CA ALA A 612 -6.42 21.82 -23.13
C ALA A 612 -7.07 22.87 -22.23
N GLU A 613 -8.34 22.68 -21.94
CA GLU A 613 -9.04 23.61 -21.08
C GLU A 613 -8.46 23.56 -19.64
N PHE A 614 -8.24 22.37 -19.11
CA PHE A 614 -7.63 22.21 -17.79
C PHE A 614 -6.29 22.95 -17.74
N ASN A 615 -5.45 22.72 -18.72
CA ASN A 615 -4.14 23.35 -18.79
C ASN A 615 -4.22 24.87 -18.99
N ARG A 616 -5.23 25.34 -19.68
CA ARG A 616 -5.34 26.75 -19.91
C ARG A 616 -5.43 27.37 -18.58
N VAL A 617 -6.24 26.78 -17.71
CA VAL A 617 -6.48 27.38 -16.38
C VAL A 617 -5.23 27.38 -15.55
N LEU A 618 -4.41 26.33 -15.67
CA LEU A 618 -3.19 26.27 -14.90
C LEU A 618 -2.15 27.20 -15.45
N ASP A 619 -2.09 27.36 -16.76
CA ASP A 619 -1.15 28.29 -17.35
C ASP A 619 -1.44 29.72 -16.88
N GLY A 620 -2.72 30.05 -16.66
CA GLY A 620 -3.12 31.39 -16.14
C GLY A 620 -2.66 31.60 -14.68
N ILE A 621 -2.70 30.55 -13.85
CA ILE A 621 -2.21 30.68 -12.50
C ILE A 621 -0.70 30.99 -12.61
N VAL A 622 -0.02 30.17 -13.36
CA VAL A 622 1.40 30.32 -13.53
C VAL A 622 1.75 31.73 -13.98
N LYS A 623 0.95 32.30 -14.86
CA LYS A 623 1.22 33.61 -15.43
C LYS A 623 0.92 34.80 -14.52
N HIS A 624 -0.13 34.70 -13.69
CA HIS A 624 -0.57 35.83 -12.90
C HIS A 624 -0.44 35.70 -11.40
N TYR A 625 -0.39 34.50 -10.85
CA TYR A 625 -0.33 34.37 -9.40
C TYR A 625 0.93 35.06 -8.91
N ARG A 626 0.83 35.91 -7.88
CA ARG A 626 1.97 36.62 -7.30
C ARG A 626 2.27 36.25 -5.82
N ALA A 627 3.50 35.82 -5.52
CA ALA A 627 3.91 35.49 -4.13
C ALA A 627 4.88 36.51 -3.52
N ARG A 628 5.06 36.49 -2.18
CA ARG A 628 6.04 37.41 -1.56
C ARG A 628 7.34 36.65 -1.48
N ASN A 629 8.46 37.37 -1.55
CA ASN A 629 9.76 36.78 -1.36
C ASN A 629 10.10 36.73 0.15
N LYS A 630 10.05 35.52 0.72
CA LYS A 630 10.40 35.28 2.11
C LYS A 630 11.57 34.29 2.14
N PRO A 631 12.79 34.77 1.90
CA PRO A 631 13.94 33.85 1.90
C PRO A 631 14.09 33.01 3.21
N TRP A 632 13.71 33.59 4.35
CA TRP A 632 13.78 32.93 5.66
C TRP A 632 12.74 31.79 5.78
N SER A 633 11.68 31.82 4.96
CA SER A 633 10.69 30.73 4.97
C SER A 633 11.24 29.47 4.32
N LYS A 634 12.45 29.10 4.74
CA LYS A 634 13.11 27.84 4.39
C LYS A 634 12.96 27.55 2.90
N PRO A 635 12.88 26.26 2.53
CA PRO A 635 12.48 25.85 1.19
C PRO A 635 10.95 25.73 1.05
N PHE A 636 10.45 26.00 -0.15
CA PHE A 636 9.04 25.84 -0.51
C PHE A 636 8.06 26.86 0.08
N SER A 637 8.32 28.14 -0.21
CA SER A 637 7.42 29.25 0.18
C SER A 637 6.14 29.24 -0.70
N SER A 638 6.20 29.75 -1.94
CA SER A 638 5.08 29.67 -2.92
C SER A 638 5.05 28.37 -3.73
N THR A 639 4.57 27.33 -3.12
CA THR A 639 4.32 26.16 -3.91
C THR A 639 3.25 26.39 -5.02
N THR A 640 2.49 27.49 -5.05
CA THR A 640 1.31 27.56 -5.96
C THR A 640 1.63 27.50 -7.45
N VAL A 641 2.54 28.34 -7.90
CA VAL A 641 2.92 28.33 -9.28
C VAL A 641 3.60 27.02 -9.59
N GLU A 642 4.44 26.55 -8.68
N GLU A 642 4.44 26.55 -8.69
CA GLU A 642 5.16 25.29 -8.89
CA GLU A 642 5.20 25.29 -8.85
C GLU A 642 4.19 24.11 -9.02
C GLU A 642 4.22 24.11 -9.00
N GLN A 643 3.21 24.06 -8.13
CA GLN A 643 2.18 23.01 -8.19
C GLN A 643 1.36 23.14 -9.48
N ALA A 644 1.03 24.37 -9.87
CA ALA A 644 0.27 24.59 -11.09
C ALA A 644 0.99 24.00 -12.28
N LYS A 645 2.32 24.10 -12.33
CA LYS A 645 3.07 23.50 -13.43
C LYS A 645 3.08 21.99 -13.31
N ALA A 646 3.43 21.50 -12.13
CA ALA A 646 3.50 20.07 -11.86
C ALA A 646 2.19 19.29 -12.16
N TRP A 647 1.04 19.94 -12.07
CA TRP A 647 -0.21 19.25 -12.36
C TRP A 647 -0.63 19.32 -13.82
N ARG A 648 0.09 20.01 -14.69
CA ARG A 648 -0.30 20.03 -16.11
C ARG A 648 -0.42 18.62 -16.64
N ILE A 649 -1.39 18.40 -17.52
CA ILE A 649 -1.56 17.08 -18.13
C ILE A 649 -0.61 16.99 -19.31
N PRO A 650 0.29 15.96 -19.30
CA PRO A 650 1.34 15.74 -20.28
C PRO A 650 1.03 16.05 -21.73
N VAL A 651 -0.15 15.68 -22.22
CA VAL A 651 -0.45 15.89 -23.64
C VAL A 651 0.46 14.98 -24.52
N ALA B 34 44.77 -44.41 12.12
CA ALA B 34 44.66 -43.07 11.43
C ALA B 34 43.27 -42.84 10.91
N LYS B 35 43.03 -41.62 10.43
CA LYS B 35 41.71 -41.24 9.97
C LYS B 35 41.30 -41.86 8.64
N VAL B 36 40.03 -42.21 8.55
CA VAL B 36 39.49 -42.89 7.39
C VAL B 36 38.65 -41.94 6.56
N PRO B 37 38.89 -41.88 5.26
CA PRO B 37 38.04 -41.11 4.40
C PRO B 37 36.73 -41.83 4.12
N LEU B 38 35.60 -41.15 4.34
CA LEU B 38 34.29 -41.66 4.04
C LEU B 38 33.76 -41.12 2.72
N VAL B 39 34.15 -39.88 2.41
CA VAL B 39 33.74 -39.18 1.22
C VAL B 39 34.85 -38.24 0.79
N LYS B 40 35.04 -38.12 -0.51
CA LYS B 40 36.07 -37.26 -1.05
C LYS B 40 35.64 -36.33 -2.18
N GLY B 41 36.01 -35.05 -2.02
CA GLY B 41 35.81 -34.01 -3.00
C GLY B 41 34.51 -34.07 -3.74
N VAL B 42 33.45 -34.23 -3.01
CA VAL B 42 32.20 -34.36 -3.67
C VAL B 42 31.64 -33.02 -3.93
N GLY B 43 31.24 -32.81 -5.19
CA GLY B 43 30.54 -31.61 -5.60
C GLY B 43 31.33 -30.34 -5.69
N GLU B 44 30.57 -29.28 -5.88
CA GLU B 44 31.13 -27.95 -6.08
C GLU B 44 31.72 -27.35 -4.81
N ARG B 45 31.51 -28.00 -3.68
CA ARG B 45 32.13 -27.57 -2.43
C ARG B 45 33.23 -28.52 -2.02
N ASN B 46 33.50 -29.47 -2.93
CA ASN B 46 34.55 -30.44 -2.76
C ASN B 46 34.45 -31.00 -1.37
N LEU B 47 33.29 -31.50 -1.02
CA LEU B 47 33.05 -31.91 0.32
C LEU B 47 33.71 -33.22 0.62
N SER B 48 34.47 -33.26 1.72
CA SER B 48 35.10 -34.49 2.17
C SER B 48 34.79 -34.69 3.62
N ILE B 49 34.71 -35.95 4.00
CA ILE B 49 34.39 -36.32 5.37
C ILE B 49 35.32 -37.42 5.79
N TYR B 50 36.02 -37.21 6.90
CA TYR B 50 36.93 -38.23 7.45
C TYR B 50 36.46 -38.59 8.88
N ARG B 51 36.69 -39.83 9.28
CA ARG B 51 36.40 -40.26 10.64
C ARG B 51 37.63 -40.78 11.36
N HIS B 52 37.84 -40.33 12.61
CA HIS B 52 38.95 -40.81 13.46
C HIS B 52 38.50 -42.06 14.25
N SER B 53 39.36 -42.62 15.09
CA SER B 53 39.03 -43.81 15.88
C SER B 53 37.96 -43.52 16.89
N ASP B 54 38.15 -42.41 17.60
CA ASP B 54 37.23 -42.05 18.70
C ASP B 54 35.83 -41.63 18.17
N GLY B 55 35.64 -41.65 16.86
CA GLY B 55 34.34 -41.31 16.29
C GLY B 55 34.26 -39.84 15.88
N ARG B 56 35.31 -39.07 16.18
CA ARG B 56 35.39 -37.67 15.80
C ARG B 56 35.32 -37.65 14.28
N VAL B 57 34.53 -36.75 13.74
CA VAL B 57 34.40 -36.62 12.30
C VAL B 57 34.80 -35.22 11.88
N GLU B 58 35.46 -35.16 10.76
CA GLU B 58 35.99 -33.93 10.20
C GLU B 58 35.45 -33.70 8.78
N VAL B 59 34.83 -32.54 8.55
CA VAL B 59 34.27 -32.20 7.24
C VAL B 59 35.09 -31.08 6.60
N VAL B 60 35.53 -31.27 5.38
CA VAL B 60 36.32 -30.25 4.70
C VAL B 60 35.58 -29.77 3.48
N VAL B 61 35.53 -28.45 3.32
CA VAL B 61 34.86 -27.84 2.20
C VAL B 61 35.56 -26.61 1.64
N SER B 62 35.17 -26.28 0.43
CA SER B 62 35.59 -25.15 -0.26
C SER B 62 34.37 -24.24 -0.27
N PRO B 63 34.56 -22.97 -0.62
CA PRO B 63 33.46 -22.03 -0.74
C PRO B 63 32.49 -22.34 -1.85
N PRO B 64 31.21 -22.00 -1.65
CA PRO B 64 30.25 -22.17 -2.73
C PRO B 64 30.52 -21.10 -3.75
N PRO B 65 29.99 -21.28 -4.96
CA PRO B 65 30.09 -20.25 -5.94
C PRO B 65 29.17 -19.07 -5.50
N PRO B 66 29.39 -17.87 -6.06
CA PRO B 66 28.67 -16.70 -5.56
C PRO B 66 27.18 -16.75 -5.72
N ALA B 67 26.48 -16.45 -4.63
CA ALA B 67 25.04 -16.32 -4.63
C ALA B 67 24.61 -14.81 -4.58
N HIS B 68 25.47 -13.95 -4.07
CA HIS B 68 25.14 -12.55 -3.92
C HIS B 68 26.24 -11.66 -4.59
N LEU B 69 25.85 -10.88 -5.58
CA LEU B 69 26.78 -10.01 -6.29
C LEU B 69 26.51 -8.61 -5.76
N VAL B 70 27.53 -7.98 -5.20
CA VAL B 70 27.33 -6.67 -4.59
C VAL B 70 28.13 -5.68 -5.39
N LEU B 71 27.47 -4.70 -5.99
CA LEU B 71 28.16 -3.65 -6.79
C LEU B 71 28.24 -2.31 -6.06
N SER B 72 29.42 -1.95 -5.56
CA SER B 72 29.63 -0.71 -4.79
C SER B 72 30.00 0.31 -5.81
N GLY B 73 28.98 0.85 -6.43
CA GLY B 73 29.16 1.61 -7.63
C GLY B 73 29.80 2.97 -7.64
N GLY B 74 29.77 3.50 -8.84
CA GLY B 74 30.31 4.80 -9.21
C GLY B 74 29.87 4.92 -10.67
N GLY B 75 29.88 6.12 -11.21
CA GLY B 75 29.44 6.35 -12.57
C GLY B 75 30.49 5.95 -13.56
N ALA B 76 31.51 6.80 -13.69
CA ALA B 76 32.59 6.59 -14.65
C ALA B 76 33.22 5.19 -14.51
N LYS B 77 33.49 4.79 -13.28
CA LYS B 77 34.09 3.48 -13.04
C LYS B 77 33.19 2.33 -13.52
N GLY B 78 31.89 2.56 -13.54
CA GLY B 78 30.95 1.53 -13.90
C GLY B 78 31.14 0.93 -15.27
N ILE B 79 32.02 1.51 -16.08
CA ILE B 79 32.24 0.93 -17.41
C ILE B 79 32.95 -0.40 -17.26
N ALA B 80 33.66 -0.56 -16.15
CA ALA B 80 34.42 -1.77 -15.95
C ALA B 80 33.51 -2.95 -15.69
N PHE B 81 32.29 -2.71 -15.23
CA PHE B 81 31.44 -3.81 -14.86
C PHE B 81 31.21 -4.90 -15.91
N PRO B 82 31.11 -4.52 -17.20
CA PRO B 82 30.87 -5.56 -18.19
C PRO B 82 31.87 -6.73 -18.14
N GLY B 83 33.14 -6.46 -17.91
CA GLY B 83 34.13 -7.55 -17.81
C GLY B 83 33.83 -8.46 -16.62
N MET B 84 33.34 -7.87 -15.55
CA MET B 84 33.02 -8.63 -14.36
C MET B 84 31.90 -9.59 -14.70
N VAL B 85 30.94 -9.14 -15.51
CA VAL B 85 29.84 -10.02 -15.96
C VAL B 85 30.29 -11.11 -16.96
N GLN B 86 31.23 -10.75 -17.83
CA GLN B 86 31.76 -11.70 -18.78
C GLN B 86 32.40 -12.82 -18.00
N ALA B 87 33.24 -12.45 -17.03
CA ALA B 87 33.90 -13.42 -16.14
C ALA B 87 32.93 -14.32 -15.45
N LEU B 88 31.83 -13.78 -14.95
CA LEU B 88 30.87 -14.65 -14.26
C LEU B 88 30.20 -15.67 -15.17
N GLU B 89 29.78 -15.22 -16.34
CA GLU B 89 29.03 -16.05 -17.29
C GLU B 89 29.92 -17.10 -17.91
N GLU B 90 31.06 -16.65 -18.42
CA GLU B 90 32.08 -17.52 -19.02
C GLU B 90 32.54 -18.65 -18.08
N ALA B 91 32.30 -18.51 -16.79
CA ALA B 91 32.61 -19.52 -15.82
C ALA B 91 31.33 -20.21 -15.32
N ASP B 92 30.21 -20.01 -16.03
CA ASP B 92 28.89 -20.52 -15.62
C ASP B 92 28.60 -20.25 -14.17
N LYS B 93 29.08 -19.12 -13.67
CA LYS B 93 28.81 -18.77 -12.29
C LYS B 93 27.80 -17.62 -12.13
N LEU B 94 27.26 -17.09 -13.24
CA LEU B 94 26.20 -16.07 -13.19
C LEU B 94 24.83 -16.67 -12.94
N LYS B 95 24.56 -17.81 -13.55
CA LYS B 95 23.33 -18.54 -13.35
C LYS B 95 22.99 -18.67 -11.87
N GLY B 96 23.93 -19.16 -11.09
CA GLY B 96 23.71 -19.40 -9.66
C GLY B 96 23.76 -18.17 -8.75
N VAL B 97 23.92 -16.96 -9.33
CA VAL B 97 23.75 -15.72 -8.53
C VAL B 97 22.26 -15.60 -8.22
N LYS B 98 21.91 -15.28 -6.99
CA LYS B 98 20.50 -15.20 -6.61
C LYS B 98 20.01 -13.80 -6.35
N VAL B 99 20.91 -12.94 -5.90
CA VAL B 99 20.55 -11.60 -5.48
C VAL B 99 21.62 -10.67 -5.97
N VAL B 100 21.21 -9.54 -6.53
CA VAL B 100 22.17 -8.57 -6.96
C VAL B 100 21.96 -7.28 -6.18
N SER B 101 22.99 -6.78 -5.53
CA SER B 101 22.84 -5.51 -4.80
C SER B 101 23.65 -4.44 -5.49
N GLY B 102 23.11 -3.24 -5.53
CA GLY B 102 23.80 -2.16 -6.17
C GLY B 102 23.77 -0.95 -5.32
N SER B 103 24.91 -0.37 -5.08
CA SER B 103 24.95 0.80 -4.25
C SER B 103 25.21 2.05 -5.05
N SER B 104 24.60 3.14 -4.61
CA SER B 104 24.77 4.44 -5.31
C SER B 104 24.64 4.29 -6.82
N ALA B 105 25.62 4.73 -7.59
CA ALA B 105 25.51 4.64 -9.05
C ALA B 105 25.63 3.22 -9.63
N GLY B 106 25.81 2.23 -8.74
CA GLY B 106 25.84 0.80 -9.13
C GLY B 106 24.44 0.19 -9.12
N ALA B 107 23.48 0.97 -8.63
CA ALA B 107 22.12 0.54 -8.61
C ALA B 107 21.61 0.29 -10.05
N ILE B 108 21.98 1.17 -10.97
CA ILE B 108 21.63 1.04 -12.37
C ILE B 108 21.99 -0.34 -12.91
N CYS B 109 23.26 -0.66 -12.76
CA CYS B 109 23.81 -1.88 -13.28
C CYS B 109 23.13 -3.01 -12.56
N ALA B 110 23.00 -2.90 -11.26
CA ALA B 110 22.36 -3.96 -10.53
C ALA B 110 20.98 -4.21 -11.09
N ALA B 111 20.23 -3.17 -11.36
CA ALA B 111 18.89 -3.34 -11.88
C ALA B 111 18.93 -4.02 -13.25
N LEU B 112 19.84 -3.58 -14.11
CA LEU B 112 19.91 -4.22 -15.42
C LEU B 112 20.20 -5.71 -15.31
N LEU B 113 21.14 -6.06 -14.44
CA LEU B 113 21.52 -7.45 -14.29
C LEU B 113 20.45 -8.26 -13.64
N ALA B 114 19.77 -7.69 -12.66
CA ALA B 114 18.78 -8.46 -11.97
C ALA B 114 17.65 -8.82 -12.93
N SER B 115 17.52 -8.02 -13.98
CA SER B 115 16.50 -8.20 -15.01
C SER B 115 16.85 -9.30 -16.00
N GLY B 116 18.04 -9.86 -15.86
CA GLY B 116 18.42 -10.95 -16.69
C GLY B 116 19.18 -10.56 -17.93
N MET B 117 19.76 -9.38 -17.96
CA MET B 117 20.59 -9.04 -19.09
C MET B 117 21.86 -9.87 -19.04
N ASP B 118 22.18 -10.53 -20.15
CA ASP B 118 23.40 -11.36 -20.28
C ASP B 118 24.62 -10.44 -20.55
N ALA B 119 25.80 -11.04 -20.55
CA ALA B 119 27.03 -10.29 -20.63
C ALA B 119 27.12 -9.47 -21.90
N LYS B 120 26.73 -10.07 -23.02
CA LYS B 120 26.82 -9.41 -24.36
C LYS B 120 25.91 -8.18 -24.39
N ALA B 121 24.64 -8.38 -24.09
CA ALA B 121 23.67 -7.29 -24.07
C ALA B 121 24.17 -6.20 -23.13
N PHE B 122 24.54 -6.62 -21.90
CA PHE B 122 25.04 -5.71 -20.88
C PHE B 122 26.29 -4.94 -21.31
N THR B 123 27.18 -5.59 -22.04
CA THR B 123 28.38 -4.91 -22.52
C THR B 123 28.00 -3.84 -23.55
N GLN B 124 27.14 -4.24 -24.48
CA GLN B 124 26.67 -3.39 -25.59
C GLN B 124 26.01 -2.13 -25.04
N LEU B 125 25.07 -2.35 -24.14
CA LEU B 125 24.34 -1.26 -23.54
C LEU B 125 25.24 -0.32 -22.70
N SER B 126 26.23 -0.87 -22.02
CA SER B 126 27.11 -0.07 -21.16
C SER B 126 28.05 0.82 -21.95
N ASN B 127 28.42 0.35 -23.13
CA ASN B 127 29.29 1.13 -23.99
C ASN B 127 28.57 2.32 -24.60
N ASN B 128 27.25 2.19 -24.79
CA ASN B 128 26.42 3.24 -25.42
C ASN B 128 25.78 4.20 -24.44
N LEU B 129 26.11 4.11 -23.16
CA LEU B 129 25.48 4.96 -22.16
C LEU B 129 26.03 6.37 -22.03
N ASP B 130 27.30 6.48 -21.66
CA ASP B 130 27.87 7.78 -21.29
C ASP B 130 27.00 8.31 -20.14
N LEU B 131 27.02 7.58 -19.03
CA LEU B 131 26.15 7.89 -17.89
C LEU B 131 26.58 9.03 -16.94
N PRO B 132 27.86 9.44 -16.95
CA PRO B 132 28.19 10.56 -16.05
C PRO B 132 27.41 11.83 -16.42
N ARG B 133 27.30 12.08 -17.72
CA ARG B 133 26.52 13.19 -18.25
C ARG B 133 25.05 12.97 -17.91
N LEU B 134 24.58 11.77 -18.24
CA LEU B 134 23.23 11.30 -17.98
C LEU B 134 22.80 11.63 -16.53
N LEU B 135 23.66 11.36 -15.54
CA LEU B 135 23.34 11.70 -14.14
C LEU B 135 23.44 13.21 -13.84
N ASN B 136 22.39 13.96 -14.17
CA ASN B 136 22.31 15.42 -13.91
C ASN B 136 20.87 15.96 -13.95
N ASP B 139 17.47 16.90 -13.41
CA ASP B 139 16.09 16.41 -13.41
C ASP B 139 15.38 16.75 -12.09
N PRO B 140 14.06 16.88 -12.13
CA PRO B 140 13.33 17.38 -10.97
C PRO B 140 13.39 16.53 -9.69
N VAL B 141 13.28 15.20 -9.81
CA VAL B 141 13.33 14.34 -8.63
C VAL B 141 14.64 14.49 -7.87
N THR B 142 15.73 14.41 -8.57
CA THR B 142 17.01 14.61 -7.95
C THR B 142 17.04 15.98 -7.31
N ALA B 143 16.61 16.99 -8.05
CA ALA B 143 16.62 18.35 -7.55
C ALA B 143 15.86 18.45 -6.23
N TRP B 144 14.66 17.89 -6.22
CA TRP B 144 13.84 17.89 -5.04
C TRP B 144 14.58 17.26 -3.85
N LEU B 145 15.33 16.20 -4.09
CA LEU B 145 16.06 15.57 -3.03
C LEU B 145 17.09 16.48 -2.39
N GLN B 146 17.80 17.32 -3.14
CA GLN B 146 18.70 18.28 -2.49
C GLN B 146 17.94 19.26 -1.60
N GLU B 147 16.92 19.90 -2.16
CA GLU B 147 16.19 20.93 -1.42
C GLU B 147 15.49 20.39 -0.19
N ALA B 148 14.92 19.20 -0.31
CA ALA B 148 14.06 18.64 0.72
C ALA B 148 14.79 17.82 1.77
N SER B 149 16.09 17.58 1.60
CA SER B 149 16.83 16.71 2.51
C SER B 149 16.72 17.10 3.97
N SER B 150 16.85 18.37 4.30
CA SER B 150 16.77 18.79 5.72
C SER B 150 15.39 18.51 6.33
N GLU B 151 14.35 18.96 5.63
CA GLU B 151 12.97 18.69 6.00
C GLU B 151 12.75 17.18 6.23
N LEU B 152 13.25 16.36 5.33
CA LEU B 152 13.08 14.92 5.48
C LEU B 152 13.77 14.35 6.71
N GLY B 153 14.89 14.92 7.09
CA GLY B 153 15.66 14.40 8.21
C GLY B 153 14.95 14.68 9.49
N LYS B 154 14.47 15.90 9.63
CA LYS B 154 13.72 16.25 10.81
C LYS B 154 12.51 15.38 10.93
N LEU B 155 11.73 15.33 9.87
CA LEU B 155 10.51 14.59 9.89
C LEU B 155 10.70 13.13 10.36
N VAL B 156 11.61 12.41 9.70
CA VAL B 156 11.79 10.97 9.98
C VAL B 156 12.30 10.68 11.38
N ARG B 157 13.06 11.59 11.94
CA ARG B 157 13.62 11.31 13.23
C ARG B 157 12.75 11.78 14.38
N SER B 158 11.71 12.52 14.06
CA SER B 158 10.81 13.02 15.08
C SER B 158 9.58 12.12 15.35
N LEU B 159 9.45 10.99 14.68
CA LEU B 159 8.25 10.15 14.75
C LEU B 159 7.98 9.43 16.11
N PRO B 160 6.72 9.41 16.57
CA PRO B 160 6.36 8.71 17.82
C PRO B 160 6.61 7.20 17.76
N GLY B 161 6.54 6.65 16.56
CA GLY B 161 6.80 5.24 16.30
C GLY B 161 7.77 5.05 15.13
N PRO B 162 8.76 4.14 15.27
CA PRO B 162 9.77 3.97 14.23
C PRO B 162 9.23 3.57 12.85
N VAL B 163 9.88 4.04 11.80
CA VAL B 163 9.54 3.58 10.46
C VAL B 163 10.60 2.54 10.07
N GLY B 164 10.35 1.73 9.03
CA GLY B 164 11.30 0.68 8.60
C GLY B 164 12.60 1.23 8.06
N ASN B 165 12.49 2.24 7.20
CA ASN B 165 13.64 2.84 6.53
C ASN B 165 13.11 4.10 5.88
N ILE B 166 13.96 5.11 5.77
CA ILE B 166 13.55 6.34 5.10
C ILE B 166 13.10 6.07 3.66
N SER B 167 13.51 4.94 3.07
CA SER B 167 12.95 4.51 1.75
C SER B 167 11.43 4.50 1.72
N GLN B 168 10.83 4.12 2.83
CA GLN B 168 9.38 4.07 2.87
C GLN B 168 8.76 5.46 2.70
N LEU B 169 9.37 6.48 3.30
CA LEU B 169 8.93 7.83 3.08
C LEU B 169 9.08 8.25 1.64
N LEU B 170 10.23 7.95 1.04
CA LEU B 170 10.54 8.36 -0.33
C LEU B 170 9.63 7.68 -1.33
N LEU B 171 9.36 6.41 -1.07
CA LEU B 171 8.42 5.68 -1.89
C LEU B 171 7.11 6.44 -2.02
N THR B 172 6.52 6.86 -0.92
CA THR B 172 5.23 7.52 -0.98
C THR B 172 5.31 8.97 -1.36
N LEU B 173 6.48 9.62 -1.17
CA LEU B 173 6.65 11.05 -1.61
C LEU B 173 7.06 11.19 -3.08
N LEU B 174 7.71 10.18 -3.62
CA LEU B 174 8.20 10.25 -4.98
C LEU B 174 7.72 9.08 -5.85
N PRO B 175 6.40 8.92 -5.98
CA PRO B 175 5.89 7.85 -6.83
C PRO B 175 6.11 8.20 -8.29
N ARG B 176 6.10 7.18 -9.17
CA ARG B 176 6.40 7.35 -10.59
C ARG B 176 5.27 7.96 -11.40
N GLN B 182 11.97 10.39 -16.81
CA GLN B 182 13.21 11.04 -17.25
C GLN B 182 14.17 10.05 -17.86
N PRO B 183 15.10 10.54 -18.71
CA PRO B 183 16.02 9.70 -19.47
C PRO B 183 16.55 8.43 -18.78
N LEU B 184 17.12 8.60 -17.59
CA LEU B 184 17.78 7.50 -16.91
C LEU B 184 16.81 6.42 -16.46
N GLU B 185 15.75 6.82 -15.77
CA GLU B 185 14.81 5.80 -15.29
C GLU B 185 14.09 5.13 -16.45
N ASP B 186 13.97 5.81 -17.60
CA ASP B 186 13.31 5.24 -18.78
C ASP B 186 14.18 4.19 -19.42
N LEU B 187 15.43 4.54 -19.73
CA LEU B 187 16.34 3.59 -20.31
C LEU B 187 16.31 2.34 -19.49
N ILE B 188 16.53 2.50 -18.18
CA ILE B 188 16.50 1.36 -17.28
C ILE B 188 15.17 0.60 -17.39
N ARG B 189 14.08 1.33 -17.31
CA ARG B 189 12.77 0.69 -17.33
C ARG B 189 12.46 -0.04 -18.64
N ASN B 190 12.87 0.53 -19.77
CA ASN B 190 12.63 -0.14 -21.07
C ASN B 190 13.46 -1.39 -21.20
N GLU B 191 14.74 -1.26 -20.87
CA GLU B 191 15.69 -2.36 -20.98
C GLU B 191 15.34 -3.53 -20.05
N SER B 192 14.89 -3.25 -18.83
CA SER B 192 14.52 -4.33 -17.92
C SER B 192 13.28 -5.03 -18.43
N ARG B 193 12.31 -4.25 -18.91
CA ARG B 193 11.06 -4.78 -19.51
C ARG B 193 11.39 -5.74 -20.68
N GLN B 194 12.14 -5.25 -21.67
CA GLN B 194 12.50 -6.05 -22.83
C GLN B 194 13.07 -7.34 -22.35
N SER B 195 14.16 -7.22 -21.61
CA SER B 195 14.89 -8.34 -21.09
C SER B 195 13.98 -9.31 -20.41
N ILE B 196 13.13 -8.82 -19.51
CA ILE B 196 12.23 -9.68 -18.77
C ILE B 196 11.26 -10.40 -19.68
N LEU B 197 10.64 -9.66 -20.59
CA LEU B 197 9.67 -10.26 -21.49
C LEU B 197 10.31 -11.37 -22.31
N ALA B 198 11.46 -11.08 -22.90
CA ALA B 198 12.22 -12.08 -23.67
C ALA B 198 12.37 -13.35 -22.83
N HIS B 199 12.86 -13.22 -21.60
CA HIS B 199 13.04 -14.37 -20.73
C HIS B 199 11.72 -15.09 -20.49
N ILE B 200 10.67 -14.34 -20.16
CA ILE B 200 9.37 -14.96 -19.91
C ILE B 200 8.97 -15.76 -21.16
N ALA B 201 9.17 -15.18 -22.35
CA ALA B 201 8.81 -15.84 -23.62
C ALA B 201 9.58 -17.13 -23.88
N GLY B 202 10.81 -17.19 -23.41
CA GLY B 202 11.65 -18.40 -23.56
C GLY B 202 11.28 -19.52 -22.60
N MET B 203 10.28 -19.29 -21.77
CA MET B 203 9.88 -20.22 -20.74
C MET B 203 8.97 -21.36 -21.23
N ARG B 208 3.36 -21.80 -17.81
CA ARG B 208 3.69 -20.62 -17.01
C ARG B 208 2.67 -20.35 -15.90
N PRO B 209 3.10 -20.38 -14.62
CA PRO B 209 2.20 -20.04 -13.51
C PRO B 209 1.45 -18.74 -13.80
N PRO B 210 0.18 -18.67 -13.40
CA PRO B 210 -0.56 -17.42 -13.57
C PRO B 210 0.22 -16.22 -13.03
N GLU B 211 0.98 -16.44 -11.95
CA GLU B 211 1.80 -15.42 -11.32
C GLU B 211 2.67 -14.66 -12.32
N VAL B 212 3.39 -15.39 -13.17
CA VAL B 212 4.33 -14.75 -14.10
C VAL B 212 3.60 -14.15 -15.30
N THR B 213 2.61 -14.87 -15.84
CA THR B 213 1.91 -14.38 -17.00
C THR B 213 1.27 -13.03 -16.67
N ALA B 214 0.77 -12.87 -15.44
CA ALA B 214 0.21 -11.59 -15.01
C ALA B 214 1.27 -10.47 -14.95
N ILE B 215 2.50 -10.80 -14.57
CA ILE B 215 3.58 -9.80 -14.61
C ILE B 215 3.78 -9.42 -16.08
N ALA B 216 3.81 -10.43 -16.95
CA ALA B 216 4.01 -10.24 -18.40
C ALA B 216 3.00 -9.30 -19.02
N GLU B 217 1.74 -9.44 -18.60
CA GLU B 217 0.67 -8.58 -19.11
C GLU B 217 0.88 -7.16 -18.65
N ARG B 218 1.03 -6.99 -17.35
CA ARG B 218 1.23 -5.68 -16.75
C ARG B 218 2.41 -4.94 -17.41
N LEU B 219 3.47 -5.68 -17.75
CA LEU B 219 4.65 -5.07 -18.35
C LEU B 219 4.44 -4.72 -19.83
N SER B 220 3.73 -5.59 -20.56
CA SER B 220 3.46 -5.38 -21.99
C SER B 220 2.81 -4.03 -22.21
N ALA B 221 1.75 -3.76 -21.47
CA ALA B 221 1.05 -2.48 -21.52
C ALA B 221 2.06 -1.33 -21.49
N GLY B 222 2.94 -1.38 -20.50
CA GLY B 222 3.91 -0.33 -20.31
C GLY B 222 4.28 -0.07 -18.86
N GLY B 223 3.88 -0.97 -17.96
CA GLY B 223 4.26 -0.87 -16.55
C GLY B 223 5.71 -1.30 -16.35
N GLY B 224 6.38 -0.73 -15.37
CA GLY B 224 7.78 -1.07 -15.10
C GLY B 224 7.86 -2.20 -14.09
N ALA B 225 9.00 -2.88 -14.04
CA ALA B 225 9.17 -3.94 -13.07
C ALA B 225 9.35 -3.36 -11.65
N THR B 226 8.76 -4.04 -10.67
CA THR B 226 8.95 -3.69 -9.25
C THR B 226 9.82 -4.74 -8.60
N PHE B 227 10.24 -4.46 -7.38
CA PHE B 227 11.05 -5.39 -6.63
C PHE B 227 10.29 -6.67 -6.41
N ARG B 228 8.98 -6.57 -6.17
CA ARG B 228 8.18 -7.78 -5.90
C ARG B 228 8.08 -8.65 -7.12
N ASP B 229 8.04 -8.04 -8.30
CA ASP B 229 8.01 -8.82 -9.54
C ASP B 229 9.27 -9.65 -9.67
N LEU B 230 10.41 -8.99 -9.44
CA LEU B 230 11.71 -9.64 -9.54
C LEU B 230 11.76 -10.84 -8.60
N GLU B 231 11.38 -10.66 -7.34
CA GLU B 231 11.37 -11.76 -6.36
C GLU B 231 10.55 -12.95 -6.86
N VAL B 232 9.32 -12.68 -7.28
CA VAL B 232 8.41 -13.68 -7.81
C VAL B 232 9.00 -14.36 -9.06
N LEU B 233 9.48 -13.53 -9.99
CA LEU B 233 10.01 -14.00 -11.25
C LEU B 233 11.26 -14.88 -11.06
N SER B 234 12.10 -14.53 -10.07
CA SER B 234 13.32 -15.30 -9.78
C SER B 234 13.02 -16.73 -9.34
N ARG B 235 11.85 -16.95 -8.72
CA ARG B 235 11.49 -18.29 -8.25
C ARG B 235 11.32 -19.25 -9.40
N HIS B 236 10.95 -18.74 -10.58
CA HIS B 236 10.67 -19.60 -11.73
C HIS B 236 11.65 -19.44 -12.91
N ILE B 237 12.44 -18.37 -12.91
CA ILE B 237 13.39 -18.07 -13.98
C ILE B 237 14.73 -17.74 -13.35
N PRO B 238 15.68 -18.69 -13.43
CA PRO B 238 16.99 -18.52 -12.81
C PRO B 238 17.78 -17.30 -13.28
N ALA B 239 17.58 -16.85 -14.51
CA ALA B 239 18.33 -15.71 -15.02
C ALA B 239 17.89 -14.37 -14.40
N ILE B 240 16.66 -14.30 -13.89
CA ILE B 240 16.15 -13.08 -13.21
C ILE B 240 16.50 -13.17 -11.72
N LYS B 241 16.99 -12.08 -11.15
CA LYS B 241 17.49 -12.07 -9.78
C LYS B 241 16.75 -11.13 -8.85
N GLN B 242 16.72 -11.43 -7.56
CA GLN B 242 16.15 -10.44 -6.65
C GLN B 242 17.12 -9.26 -6.64
N LEU B 243 16.62 -8.11 -6.22
CA LEU B 243 17.42 -6.89 -6.30
C LEU B 243 17.34 -6.08 -5.02
N ASN B 244 18.51 -5.60 -4.56
CA ASN B 244 18.61 -4.60 -3.51
C ASN B 244 19.27 -3.38 -4.04
N ILE B 245 18.64 -2.24 -3.84
CA ILE B 245 19.26 -1.00 -4.20
C ILE B 245 19.48 -0.25 -2.91
N THR B 246 20.69 0.25 -2.76
CA THR B 246 21.12 0.87 -1.51
C THR B 246 21.85 2.17 -1.69
N GLY B 247 21.89 2.99 -0.66
CA GLY B 247 22.68 4.21 -0.70
C GLY B 247 22.75 4.94 0.63
N THR B 248 23.73 5.80 0.81
CA THR B 248 23.80 6.61 2.03
C THR B 248 23.59 8.04 1.68
N GLY B 249 22.72 8.73 2.41
CA GLY B 249 22.50 10.14 2.20
C GLY B 249 22.73 10.92 3.47
N MET B 250 22.76 12.26 3.33
CA MET B 250 22.79 13.17 4.47
C MET B 250 21.45 13.87 4.57
N PHE B 251 20.85 13.80 5.75
CA PHE B 251 19.58 14.37 5.97
C PHE B 251 19.66 15.09 7.28
N ASP B 252 19.65 16.43 7.25
CA ASP B 252 19.74 17.25 8.47
C ASP B 252 20.98 16.93 9.32
N GLY B 253 22.11 16.74 8.64
CA GLY B 253 23.39 16.55 9.31
C GLY B 253 23.75 15.18 9.82
N ARG B 254 22.91 14.18 9.54
CA ARG B 254 23.14 12.83 10.03
C ARG B 254 23.00 11.88 8.85
N PRO B 255 23.93 10.95 8.71
CA PRO B 255 23.88 10.02 7.56
C PRO B 255 22.84 8.96 7.80
N GLN B 256 22.10 8.61 6.76
CA GLN B 256 21.05 7.59 6.82
C GLN B 256 21.21 6.58 5.72
N LEU B 257 21.12 5.32 6.06
CA LEU B 257 21.20 4.26 5.07
C LEU B 257 19.83 4.14 4.41
N VAL B 258 19.78 4.30 3.10
CA VAL B 258 18.52 4.13 2.38
C VAL B 258 18.56 2.75 1.71
N VAL B 259 17.47 1.99 1.82
CA VAL B 259 17.41 0.64 1.25
C VAL B 259 16.09 0.31 0.58
N PHE B 260 16.15 -0.03 -0.71
CA PHE B 260 14.98 -0.47 -1.46
C PHE B 260 15.16 -1.95 -1.79
N ASN B 261 14.11 -2.74 -1.63
CA ASN B 261 14.10 -4.17 -1.96
C ASN B 261 12.68 -4.75 -1.78
N ALA B 262 12.52 -6.04 -2.02
CA ALA B 262 11.17 -6.63 -1.99
C ALA B 262 10.53 -6.57 -0.60
N ASN B 263 11.35 -6.53 0.45
CA ASN B 263 10.80 -6.50 1.77
C ASN B 263 10.31 -5.13 2.28
N LEU B 264 11.07 -4.07 2.04
CA LEU B 264 10.69 -2.74 2.52
C LEU B 264 9.80 -1.94 1.54
N THR B 265 10.03 -2.18 0.24
CA THR B 265 9.41 -1.39 -0.85
C THR B 265 9.01 -2.30 -2.03
N PRO B 266 8.20 -3.32 -1.75
CA PRO B 266 7.85 -4.33 -2.76
C PRO B 266 7.25 -3.79 -4.05
N ASP B 267 6.34 -2.84 -3.93
CA ASP B 267 5.63 -2.34 -5.10
C ASP B 267 6.32 -1.13 -5.74
N MET B 268 7.58 -0.89 -5.39
CA MET B 268 8.28 0.23 -5.98
C MET B 268 8.95 -0.14 -7.29
N ASP B 269 8.88 0.79 -8.23
CA ASP B 269 9.50 0.68 -9.52
C ASP B 269 11.00 0.67 -9.30
N ILE B 270 11.69 -0.25 -9.97
CA ILE B 270 13.15 -0.35 -9.79
C ILE B 270 13.97 0.79 -10.42
N GLY B 271 13.46 1.35 -11.52
CA GLY B 271 14.13 2.45 -12.19
C GLY B 271 14.19 3.64 -11.28
N ARG B 272 13.04 3.94 -10.70
CA ARG B 272 12.87 5.08 -9.78
C ARG B 272 13.76 4.90 -8.55
N ALA B 273 13.83 3.67 -8.03
CA ALA B 273 14.72 3.34 -6.92
C ALA B 273 16.16 3.62 -7.24
N ALA B 274 16.55 3.25 -8.45
CA ALA B 274 17.94 3.44 -8.92
C ALA B 274 18.28 4.90 -9.11
N LEU B 275 17.30 5.67 -9.57
CA LEU B 275 17.51 7.09 -9.78
C LEU B 275 17.74 7.79 -8.42
N ILE B 276 16.90 7.43 -7.44
CA ILE B 276 16.97 7.99 -6.08
C ILE B 276 18.32 7.60 -5.49
N SER B 277 18.63 6.34 -5.64
CA SER B 277 19.87 5.84 -5.14
C SER B 277 21.03 6.65 -5.65
N GLY B 278 21.06 6.91 -6.95
CA GLY B 278 22.17 7.62 -7.56
C GLY B 278 22.28 9.06 -7.16
N ALA B 279 21.19 9.66 -6.70
CA ALA B 279 21.23 11.06 -6.28
C ALA B 279 21.61 11.30 -4.80
N LEU B 280 21.83 10.24 -4.00
CA LEU B 280 22.16 10.43 -2.56
C LEU B 280 23.60 10.91 -2.28
N PRO B 281 24.59 10.31 -2.93
CA PRO B 281 25.97 10.77 -2.68
C PRO B 281 26.20 12.28 -2.80
N GLY B 282 25.50 12.94 -3.72
CA GLY B 282 25.55 14.39 -3.86
C GLY B 282 24.77 15.15 -2.80
N LEU B 283 24.52 14.54 -1.65
CA LEU B 283 23.87 15.23 -0.55
C LEU B 283 24.91 15.51 0.54
N PHE B 284 26.19 15.44 0.22
CA PHE B 284 27.22 15.62 1.26
C PHE B 284 27.93 16.98 1.22
N SER B 321 19.19 -23.22 3.51
CA SER B 321 20.28 -23.64 4.39
C SER B 321 20.04 -23.35 5.89
N PHE B 322 20.96 -23.81 6.72
CA PHE B 322 20.84 -23.82 8.18
C PHE B 322 21.68 -22.70 8.84
N PRO B 323 21.02 -21.66 9.42
CA PRO B 323 21.73 -20.48 10.01
C PRO B 323 22.65 -20.85 11.16
N GLU B 324 22.29 -21.88 11.89
CA GLU B 324 23.07 -22.32 13.03
C GLU B 324 24.25 -23.22 12.62
N SER B 325 24.26 -23.70 11.37
CA SER B 325 25.34 -24.58 10.93
C SER B 325 26.53 -23.86 10.35
N PRO B 326 27.73 -24.37 10.63
CA PRO B 326 28.89 -23.76 9.99
C PRO B 326 29.07 -24.17 8.52
N LEU B 327 28.34 -25.18 8.05
CA LEU B 327 28.43 -25.61 6.66
C LEU B 327 27.42 -24.91 5.80
N GLY B 328 26.47 -24.25 6.43
CA GLY B 328 25.51 -23.43 5.72
C GLY B 328 26.05 -21.99 5.63
N LYS B 329 26.88 -21.70 4.60
CA LYS B 329 27.44 -20.37 4.43
C LYS B 329 27.31 -19.88 3.00
N ASP B 330 26.81 -18.67 2.84
CA ASP B 330 26.67 -18.06 1.52
C ASP B 330 27.96 -17.36 1.06
N GLU B 331 28.18 -17.35 -0.23
CA GLU B 331 29.32 -16.68 -0.80
C GLU B 331 28.85 -15.40 -1.51
N ALA B 332 29.63 -14.33 -1.36
CA ALA B 332 29.34 -13.12 -2.02
C ALA B 332 30.47 -12.80 -2.95
N LEU B 333 30.19 -11.94 -3.92
CA LEU B 333 31.25 -11.35 -4.73
C LEU B 333 31.00 -9.84 -4.56
N ILE B 334 31.93 -9.14 -3.97
CA ILE B 334 31.69 -7.76 -3.60
C ILE B 334 32.60 -7.02 -4.50
N VAL B 335 32.08 -6.14 -5.33
CA VAL B 335 32.93 -5.56 -6.38
C VAL B 335 33.22 -4.14 -6.05
N LYS B 336 34.49 -3.84 -5.76
CA LYS B 336 34.96 -2.46 -5.46
C LYS B 336 35.97 -1.95 -6.50
N PHE B 337 36.26 -0.66 -6.45
CA PHE B 337 37.23 -0.07 -7.36
C PHE B 337 38.49 0.40 -6.63
N GLU B 338 39.61 0.39 -7.38
CA GLU B 338 40.93 0.80 -6.90
C GLU B 338 40.93 2.26 -6.38
N GLN B 371 31.86 -14.40 15.23
CA GLN B 371 31.38 -13.02 15.14
C GLN B 371 32.03 -12.18 14.01
N ASN B 372 33.32 -11.82 14.16
CA ASN B 372 34.06 -11.03 13.14
C ASN B 372 34.82 -11.93 12.13
N ASP B 373 34.33 -13.16 12.00
CA ASP B 373 34.77 -14.07 10.97
C ASP B 373 34.10 -13.51 9.71
N ARG B 374 33.02 -12.73 9.92
CA ARG B 374 32.26 -12.11 8.83
C ARG B 374 32.98 -10.92 8.20
N LEU B 375 33.74 -10.20 9.02
CA LEU B 375 34.54 -9.07 8.57
C LEU B 375 35.59 -9.51 7.56
N GLN B 376 36.27 -10.62 7.86
CA GLN B 376 37.32 -11.08 6.97
C GLN B 376 36.73 -11.96 5.88
N ALA B 377 35.54 -12.49 6.10
CA ALA B 377 34.84 -13.23 5.07
C ALA B 377 34.49 -12.21 3.98
N PHE B 378 34.06 -11.04 4.45
CA PHE B 378 33.68 -9.94 3.59
C PHE B 378 34.91 -9.56 2.76
N SER B 379 36.08 -9.49 3.39
CA SER B 379 37.22 -9.04 2.61
C SER B 379 37.82 -10.12 1.73
N GLU B 380 37.70 -11.37 2.14
CA GLU B 380 38.11 -12.47 1.29
C GLU B 380 37.21 -12.57 0.05
N GLN B 381 35.97 -12.13 0.19
CA GLN B 381 35.00 -12.21 -0.87
C GLN B 381 34.95 -10.94 -1.71
N THR B 382 35.90 -10.05 -1.50
CA THR B 382 35.91 -8.76 -2.16
C THR B 382 36.90 -8.75 -3.26
N VAL B 383 36.50 -8.23 -4.42
CA VAL B 383 37.42 -8.13 -5.58
C VAL B 383 37.52 -6.66 -6.01
N THR B 384 38.74 -6.21 -6.21
CA THR B 384 39.02 -4.79 -6.50
C THR B 384 39.40 -4.62 -7.97
N LEU B 385 38.49 -4.04 -8.75
CA LEU B 385 38.75 -3.87 -10.16
C LEU B 385 39.82 -2.79 -10.33
N PRO B 386 40.87 -3.10 -11.08
CA PRO B 386 41.96 -2.14 -11.26
C PRO B 386 41.61 -1.03 -12.23
N LEU B 387 42.06 0.19 -11.93
CA LEU B 387 41.82 1.33 -12.83
C LEU B 387 43.10 1.84 -13.49
N ASN B 388 44.26 1.30 -13.10
CA ASN B 388 45.58 1.81 -13.55
C ASN B 388 46.50 0.70 -14.07
N SER B 389 47.07 0.90 -15.26
CA SER B 389 47.93 -0.09 -15.92
C SER B 389 48.80 0.49 -17.04
N ASP B 390 49.54 -0.41 -17.68
CA ASP B 390 50.36 -0.09 -18.86
C ASP B 390 49.46 0.09 -20.11
N THR B 405 37.03 11.76 -23.79
CA THR B 405 36.69 11.14 -22.51
C THR B 405 36.91 9.63 -22.50
N MET B 406 36.26 8.89 -23.41
CA MET B 406 36.38 7.41 -23.44
C MET B 406 36.07 6.72 -24.79
N THR B 407 37.10 6.18 -25.45
CA THR B 407 36.97 5.51 -26.75
C THR B 407 36.55 4.05 -26.58
N PRO B 408 36.00 3.42 -27.65
CA PRO B 408 35.58 2.02 -27.56
C PRO B 408 36.71 1.07 -27.16
N GLU B 409 37.92 1.37 -27.61
CA GLU B 409 39.08 0.55 -27.28
C GLU B 409 39.44 0.65 -25.80
N GLN B 410 39.32 1.85 -25.24
CA GLN B 410 39.66 2.08 -23.85
C GLN B 410 38.69 1.34 -22.93
N LYS B 411 37.41 1.39 -23.29
CA LYS B 411 36.36 0.67 -22.57
C LYS B 411 36.57 -0.85 -22.68
N GLN B 412 36.88 -1.29 -23.90
CA GLN B 412 37.18 -2.69 -24.20
C GLN B 412 38.36 -3.18 -23.33
N HIS B 413 39.36 -2.31 -23.13
CA HIS B 413 40.56 -2.63 -22.35
C HIS B 413 40.29 -2.74 -20.85
N LEU B 414 39.59 -1.76 -20.31
CA LEU B 414 39.30 -1.71 -18.91
C LEU B 414 38.42 -2.89 -18.58
N GLN B 415 37.45 -3.15 -19.44
CA GLN B 415 36.56 -4.29 -19.28
C GLN B 415 37.36 -5.61 -19.28
N ALA B 416 38.36 -5.73 -20.13
CA ALA B 416 39.20 -6.93 -20.16
C ALA B 416 40.09 -7.05 -18.90
N GLN B 417 40.45 -5.94 -18.26
CA GLN B 417 41.24 -5.96 -17.03
C GLN B 417 40.38 -6.50 -15.89
N ALA B 418 39.15 -6.02 -15.86
CA ALA B 418 38.18 -6.45 -14.88
C ALA B 418 37.91 -7.94 -15.03
N ARG B 419 37.70 -8.35 -16.28
CA ARG B 419 37.39 -9.75 -16.59
C ARG B 419 38.47 -10.65 -16.01
N GLN B 420 39.73 -10.28 -16.27
CA GLN B 420 40.85 -11.05 -15.76
C GLN B 420 40.88 -11.10 -14.24
N THR B 421 40.67 -9.95 -13.59
CA THR B 421 40.81 -9.82 -12.15
C THR B 421 39.78 -10.71 -11.48
N VAL B 422 38.56 -10.63 -11.95
CA VAL B 422 37.49 -11.37 -11.42
C VAL B 422 37.67 -12.89 -11.67
N SER B 423 38.05 -13.26 -12.89
CA SER B 423 38.36 -14.68 -13.19
C SER B 423 39.41 -15.15 -12.23
N GLY B 424 40.43 -14.31 -12.01
CA GLY B 424 41.49 -14.65 -11.06
C GLY B 424 40.93 -14.86 -9.68
N HIS B 425 40.01 -13.98 -9.30
CA HIS B 425 39.45 -14.05 -7.97
C HIS B 425 38.60 -15.32 -7.82
N LEU B 426 37.81 -15.62 -8.84
CA LEU B 426 36.94 -16.77 -8.81
C LEU B 426 37.75 -18.06 -8.74
N GLN B 427 38.89 -18.08 -9.39
CA GLN B 427 39.75 -19.26 -9.38
C GLN B 427 40.36 -19.49 -8.02
N GLN B 428 40.91 -18.44 -7.42
CA GLN B 428 41.51 -18.48 -6.09
C GLN B 428 40.51 -18.94 -5.04
N ARG B 429 39.30 -18.43 -5.13
CA ARG B 429 38.28 -18.87 -4.21
C ARG B 429 38.09 -20.41 -4.27
N GLU B 430 38.18 -21.02 -5.44
CA GLU B 430 38.01 -22.46 -5.52
C GLU B 430 39.12 -23.22 -4.82
N LEU B 431 40.24 -22.59 -4.58
CA LEU B 431 41.33 -23.27 -3.90
C LEU B 431 41.26 -23.22 -2.36
N GLU B 432 40.38 -22.42 -1.80
CA GLU B 432 40.33 -22.33 -0.34
C GLU B 432 39.68 -23.59 0.22
N ARG B 433 40.09 -23.96 1.41
CA ARG B 433 39.51 -25.07 2.11
C ARG B 433 39.35 -24.73 3.53
N GLU B 434 38.34 -25.28 4.15
CA GLU B 434 38.06 -25.01 5.56
C GLU B 434 37.63 -26.35 6.17
N ARG B 435 38.03 -26.58 7.42
CA ARG B 435 37.72 -27.82 8.12
C ARG B 435 36.82 -27.57 9.31
N HIS B 436 35.80 -28.40 9.46
CA HIS B 436 34.89 -28.27 10.57
C HIS B 436 34.81 -29.61 11.24
N GLU B 437 34.95 -29.64 12.56
CA GLU B 437 34.99 -30.88 13.31
C GLU B 437 33.68 -31.10 14.07
N PHE B 438 33.30 -32.36 14.24
CA PHE B 438 32.06 -32.73 14.92
C PHE B 438 32.31 -33.96 15.81
N PRO B 439 31.62 -34.04 16.95
CA PRO B 439 31.73 -35.20 17.84
C PRO B 439 31.36 -36.51 17.19
N SER B 440 30.49 -36.51 16.18
CA SER B 440 30.16 -37.75 15.46
C SER B 440 29.69 -37.52 14.03
N LEU B 441 29.55 -38.61 13.28
CA LEU B 441 29.07 -38.55 11.91
C LEU B 441 27.66 -38.06 11.92
N ASN B 442 26.91 -38.40 12.94
CA ASN B 442 25.53 -37.94 12.96
C ASN B 442 25.43 -36.43 13.10
N ASP B 443 26.25 -35.83 13.98
CA ASP B 443 26.24 -34.36 14.18
C ASP B 443 26.64 -33.61 12.92
N ALA B 444 27.58 -34.18 12.16
CA ALA B 444 27.99 -33.58 10.92
C ALA B 444 26.80 -33.61 9.98
N VAL B 445 26.12 -34.77 9.90
CA VAL B 445 24.95 -34.88 9.05
C VAL B 445 23.91 -33.87 9.49
N MET B 446 23.75 -33.67 10.78
CA MET B 446 22.77 -32.68 11.26
C MET B 446 23.12 -31.22 10.83
N ALA B 447 24.40 -30.96 10.56
CA ALA B 447 24.83 -29.65 10.11
C ALA B 447 24.64 -29.45 8.61
N MET B 448 24.23 -30.49 7.87
CA MET B 448 24.10 -30.37 6.44
C MET B 448 22.69 -30.12 6.06
N ASP B 449 22.46 -29.14 5.18
CA ASP B 449 21.13 -28.87 4.62
C ASP B 449 20.80 -29.98 3.62
N ASP B 450 19.57 -30.02 3.14
CA ASP B 450 19.16 -31.11 2.24
C ASP B 450 20.00 -31.27 0.99
N GLN B 451 20.32 -30.18 0.33
CA GLN B 451 21.09 -30.25 -0.91
C GLN B 451 22.46 -30.89 -0.65
N MET B 452 23.15 -30.43 0.41
CA MET B 452 24.48 -30.91 0.73
C MET B 452 24.41 -32.34 1.12
N LEU B 453 23.40 -32.72 1.90
CA LEU B 453 23.22 -34.13 2.26
C LEU B 453 22.92 -35.02 1.03
N ALA B 454 22.12 -34.54 0.08
CA ALA B 454 21.86 -35.32 -1.16
C ALA B 454 23.15 -35.60 -1.94
N SER B 455 24.07 -34.64 -1.93
CA SER B 455 25.36 -34.78 -2.61
C SER B 455 26.11 -35.99 -2.17
N VAL B 456 26.05 -36.31 -0.89
CA VAL B 456 26.91 -37.35 -0.33
C VAL B 456 26.16 -38.57 0.08
N GLN B 457 24.88 -38.58 -0.23
CA GLN B 457 24.00 -39.64 0.25
C GLN B 457 24.44 -40.99 -0.24
N VAL B 458 24.87 -41.10 -1.52
CA VAL B 458 25.20 -42.44 -2.02
C VAL B 458 26.45 -42.98 -1.35
N ASP B 459 27.48 -42.16 -1.21
CA ASP B 459 28.72 -42.57 -0.54
C ASP B 459 28.48 -42.92 0.94
N LEU B 460 27.69 -42.10 1.63
CA LEU B 460 27.41 -42.34 3.04
C LEU B 460 26.59 -43.55 3.28
N GLN B 461 25.69 -43.90 2.33
CA GLN B 461 24.87 -45.13 2.41
C GLN B 461 25.71 -46.35 2.59
N ASN B 462 26.92 -46.33 2.05
CA ASN B 462 27.83 -47.45 2.14
C ASN B 462 28.51 -47.59 3.51
N ASP B 463 28.18 -46.70 4.46
CA ASP B 463 28.69 -46.78 5.81
C ASP B 463 27.51 -47.00 6.72
N ALA B 464 27.62 -47.90 7.70
CA ALA B 464 26.46 -48.21 8.61
C ALA B 464 25.96 -46.99 9.40
N ALA B 465 26.85 -46.30 10.11
CA ALA B 465 26.44 -45.05 10.84
C ALA B 465 25.94 -44.00 9.89
N GLY B 466 26.55 -43.92 8.70
CA GLY B 466 26.10 -43.01 7.66
C GLY B 466 24.68 -43.28 7.18
N ALA B 467 24.34 -44.55 7.04
CA ALA B 467 22.98 -45.00 6.65
C ALA B 467 21.93 -44.72 7.70
N GLU B 468 22.28 -44.91 8.96
CA GLU B 468 21.35 -44.63 10.04
C GLU B 468 21.10 -43.13 10.07
N ALA B 469 22.15 -42.32 9.91
CA ALA B 469 21.98 -40.85 9.91
C ALA B 469 21.11 -40.40 8.74
N LEU B 470 21.32 -40.97 7.55
CA LEU B 470 20.40 -40.68 6.43
C LEU B 470 18.94 -41.12 6.69
N ARG B 471 18.75 -42.26 7.35
CA ARG B 471 17.38 -42.72 7.73
C ARG B 471 16.71 -41.76 8.70
N PHE B 472 17.44 -41.24 9.70
CA PHE B 472 16.84 -40.25 10.62
C PHE B 472 16.38 -39.01 9.85
N ARG B 473 17.20 -38.54 8.90
CA ARG B 473 16.82 -37.38 8.11
C ARG B 473 15.63 -37.69 7.28
N LYS B 474 15.52 -38.92 6.77
CA LYS B 474 14.37 -39.22 5.93
C LYS B 474 13.12 -39.21 6.78
N ASP B 475 13.20 -39.81 7.96
CA ASP B 475 12.04 -39.76 8.85
C ASP B 475 11.68 -38.32 9.21
N ALA B 476 12.66 -37.45 9.47
CA ALA B 476 12.34 -36.07 9.86
C ALA B 476 11.71 -35.34 8.72
N GLN B 477 12.19 -35.56 7.52
CA GLN B 477 11.53 -34.97 6.37
C GLN B 477 10.08 -35.46 6.28
N GLN B 478 9.81 -36.72 6.61
CA GLN B 478 8.43 -37.24 6.54
C GLN B 478 7.56 -36.63 7.62
N ALA B 479 8.07 -36.54 8.84
CA ALA B 479 7.28 -35.99 9.90
C ALA B 479 6.99 -34.51 9.66
N LEU B 480 7.97 -33.75 9.15
CA LEU B 480 7.76 -32.30 8.88
C LEU B 480 6.78 -32.15 7.75
N GLN B 481 6.88 -33.00 6.75
CA GLN B 481 5.90 -32.98 5.66
C GLN B 481 4.47 -33.22 6.19
N ALA B 482 4.28 -34.24 7.03
CA ALA B 482 2.96 -34.52 7.63
C ALA B 482 2.44 -33.27 8.39
N LEU B 483 3.33 -32.56 9.07
CA LEU B 483 2.93 -31.37 9.82
C LEU B 483 2.50 -30.29 8.86
N ASP B 484 3.30 -30.03 7.83
CA ASP B 484 2.93 -29.07 6.82
C ASP B 484 1.56 -29.43 6.24
N THR B 485 1.33 -30.71 5.94
CA THR B 485 0.05 -31.16 5.37
C THR B 485 -1.12 -30.89 6.30
N ALA B 486 -0.98 -31.20 7.57
CA ALA B 486 -2.05 -30.96 8.52
C ALA B 486 -2.41 -29.46 8.58
N ILE B 487 -1.43 -28.57 8.40
CA ILE B 487 -1.68 -27.12 8.39
C ILE B 487 -2.48 -26.75 7.12
N ALA B 488 -2.03 -27.22 5.97
CA ALA B 488 -2.76 -27.00 4.72
C ALA B 488 -4.22 -27.46 4.83
N GLU B 489 -4.42 -28.65 5.42
CA GLU B 489 -5.78 -29.21 5.65
C GLU B 489 -6.65 -28.27 6.48
N ALA B 490 -6.12 -27.80 7.61
CA ALA B 490 -6.86 -26.88 8.48
C ALA B 490 -7.20 -25.55 7.79
N ASN B 491 -6.33 -25.13 6.88
CA ASN B 491 -6.58 -23.88 6.12
C ASN B 491 -7.66 -24.02 5.03
N GLN B 492 -8.02 -25.25 4.66
CA GLN B 492 -9.12 -25.50 3.72
C GLN B 492 -10.47 -25.23 4.35
N THR B 493 -10.49 -25.09 5.68
CA THR B 493 -11.74 -24.79 6.39
C THR B 493 -11.74 -23.40 7.06
N SER B 494 -10.56 -22.79 7.27
CA SER B 494 -10.47 -21.50 7.95
C SER B 494 -9.09 -20.89 7.90
N THR B 495 -9.02 -19.57 7.69
CA THR B 495 -7.73 -18.87 7.66
C THR B 495 -7.13 -18.72 9.06
N SER B 496 -7.95 -18.61 10.10
CA SER B 496 -7.41 -18.54 11.45
C SER B 496 -7.17 -19.99 11.90
N LEU B 497 -5.93 -20.29 12.24
CA LEU B 497 -5.49 -21.65 12.57
C LEU B 497 -5.78 -22.11 14.00
N VAL B 498 -6.13 -23.39 14.12
CA VAL B 498 -6.36 -24.05 15.39
C VAL B 498 -5.71 -25.43 15.37
N ILE B 499 -5.53 -26.02 16.55
CA ILE B 499 -4.90 -27.33 16.64
C ILE B 499 -5.92 -28.43 16.41
N THR B 500 -6.16 -28.71 15.15
CA THR B 500 -7.10 -29.76 14.78
C THR B 500 -6.57 -31.09 15.32
N PRO B 501 -7.38 -32.16 15.29
CA PRO B 501 -6.88 -33.44 15.80
C PRO B 501 -5.67 -33.99 15.02
N LYS B 502 -5.71 -33.81 13.71
CA LYS B 502 -4.66 -34.28 12.83
C LYS B 502 -3.35 -33.51 13.05
N LEU B 503 -3.46 -32.25 13.47
CA LEU B 503 -2.29 -31.41 13.74
C LEU B 503 -1.66 -31.78 15.10
N ALA B 504 -2.48 -31.95 16.12
CA ALA B 504 -2.01 -32.44 17.43
C ALA B 504 -1.29 -33.75 17.21
N SER B 505 -1.81 -34.56 16.30
CA SER B 505 -1.18 -35.85 16.04
C SER B 505 0.20 -35.68 15.41
N ALA B 506 0.31 -34.86 14.37
CA ALA B 506 1.62 -34.55 13.77
C ALA B 506 2.62 -33.96 14.77
N LEU B 507 2.20 -33.15 15.74
CA LEU B 507 3.18 -32.63 16.74
C LEU B 507 3.62 -33.73 17.72
N ARG B 508 2.68 -34.58 18.12
CA ARG B 508 3.02 -35.71 18.99
C ARG B 508 4.05 -36.58 18.29
N ASN B 509 3.85 -36.81 16.99
CA ASN B 509 4.78 -37.64 16.23
C ASN B 509 6.16 -37.00 16.12
N LEU B 510 6.21 -35.72 15.71
CA LEU B 510 7.48 -34.99 15.68
C LEU B 510 8.21 -35.11 17.00
N ASP B 511 7.50 -34.93 18.12
CA ASP B 511 8.15 -35.04 19.43
C ASP B 511 8.76 -36.45 19.63
N ALA B 512 8.10 -37.49 19.11
CA ALA B 512 8.56 -38.90 19.26
C ALA B 512 9.78 -39.23 18.40
N LEU B 513 9.99 -38.49 17.34
CA LEU B 513 11.14 -38.68 16.47
C LEU B 513 12.46 -38.40 17.19
N ALA B 514 12.49 -37.38 18.03
CA ALA B 514 13.71 -37.02 18.76
C ALA B 514 14.34 -38.22 19.48
N ARG B 515 15.64 -38.38 19.29
CA ARG B 515 16.40 -39.42 19.98
C ARG B 515 17.08 -38.84 21.24
N ARG B 516 17.15 -37.52 21.34
CA ARG B 516 17.89 -36.83 22.40
C ARG B 516 17.44 -35.38 22.35
N PRO B 517 17.83 -34.57 23.35
CA PRO B 517 17.40 -33.16 23.40
C PRO B 517 17.84 -32.28 22.22
N GLU B 518 18.99 -32.56 21.65
CA GLU B 518 19.51 -31.82 20.52
C GLU B 518 18.54 -31.92 19.33
N ASP B 519 17.88 -33.08 19.17
CA ASP B 519 16.95 -33.29 18.07
C ASP B 519 15.74 -32.40 18.17
N ILE B 520 15.32 -32.14 19.40
CA ILE B 520 14.18 -31.30 19.67
C ILE B 520 14.54 -29.89 19.16
N GLU B 521 15.69 -29.36 19.61
CA GLU B 521 16.11 -28.02 19.22
C GLU B 521 16.22 -27.96 17.71
N TRP B 522 16.80 -28.98 17.12
CA TRP B 522 17.01 -28.98 15.70
C TRP B 522 15.70 -28.89 14.92
N LEU B 523 14.73 -29.74 15.28
CA LEU B 523 13.43 -29.76 14.59
C LEU B 523 12.77 -28.43 14.79
N GLY B 524 12.98 -27.84 15.97
CA GLY B 524 12.44 -26.51 16.25
C GLY B 524 12.97 -25.44 15.29
N LYS B 525 14.25 -25.54 14.93
CA LYS B 525 14.84 -24.62 14.00
C LYS B 525 14.22 -24.87 12.63
N ARG B 526 13.99 -26.14 12.28
CA ARG B 526 13.40 -26.42 10.94
C ARG B 526 12.01 -25.84 10.82
N LEU B 527 11.27 -25.81 11.93
CA LEU B 527 9.97 -25.13 11.95
C LEU B 527 10.07 -23.63 11.71
N ASN B 528 11.26 -23.01 11.89
CA ASN B 528 11.47 -21.58 11.60
C ASN B 528 12.06 -21.38 10.19
N ALA B 529 11.99 -22.39 9.33
CA ALA B 529 12.48 -22.24 7.94
C ALA B 529 11.93 -20.92 7.39
N PRO B 530 12.77 -20.10 6.80
CA PRO B 530 12.32 -18.76 6.44
C PRO B 530 11.04 -18.57 5.61
N GLY B 531 10.93 -19.18 4.44
CA GLY B 531 9.75 -18.88 3.59
C GLY B 531 8.57 -19.80 3.79
N GLN B 532 8.55 -20.49 4.92
CA GLN B 532 7.56 -21.52 5.14
C GLN B 532 6.33 -20.94 5.89
N ARG B 533 5.37 -20.55 5.06
CA ARG B 533 4.13 -19.91 5.48
C ARG B 533 3.35 -20.69 6.52
N ASN B 534 3.08 -21.96 6.23
CA ASN B 534 2.31 -22.78 7.13
C ASN B 534 2.95 -22.88 8.49
N PHE B 535 4.27 -23.07 8.51
CA PHE B 535 4.98 -23.14 9.78
C PHE B 535 4.85 -21.81 10.50
N GLN B 536 4.95 -20.69 9.77
CA GLN B 536 4.80 -19.38 10.39
C GLN B 536 3.45 -19.27 11.12
N GLN B 537 2.35 -19.67 10.48
CA GLN B 537 1.05 -19.56 11.15
C GLN B 537 1.05 -20.39 12.44
N LEU B 538 1.63 -21.59 12.36
CA LEU B 538 1.64 -22.47 13.49
C LEU B 538 2.45 -21.84 14.59
N LEU B 539 3.58 -21.23 14.23
CA LEU B 539 4.38 -20.52 15.23
C LEU B 539 3.61 -19.38 15.91
N GLN B 540 2.75 -18.69 15.18
CA GLN B 540 1.93 -17.63 15.81
C GLN B 540 1.01 -18.25 16.83
N VAL B 541 0.31 -19.31 16.43
CA VAL B 541 -0.57 -20.02 17.35
C VAL B 541 0.22 -20.43 18.58
N GLY B 542 1.38 -21.02 18.36
CA GLY B 542 2.24 -21.44 19.47
C GLY B 542 2.52 -20.31 20.44
N THR B 543 2.82 -19.13 19.88
CA THR B 543 3.15 -17.95 20.70
C THR B 543 2.14 -17.63 21.82
N LYS B 544 0.89 -18.12 21.69
CA LYS B 544 -0.13 -17.92 22.73
C LYS B 544 0.07 -18.78 24.01
N GLN B 545 0.06 -20.11 23.89
CA GLN B 545 0.18 -21.00 25.06
C GLN B 545 1.57 -20.97 25.68
N GLY B 552 -1.17 -27.88 26.07
CA GLY B 552 -0.35 -26.68 25.90
C GLY B 552 1.13 -26.96 25.68
N LEU B 553 1.49 -28.20 25.36
CA LEU B 553 2.90 -28.57 25.18
C LEU B 553 3.24 -29.64 24.13
N SER B 554 3.66 -29.17 22.95
CA SER B 554 4.47 -29.97 22.05
C SER B 554 5.86 -29.48 22.40
N LYS B 555 6.80 -30.38 22.64
CA LYS B 555 8.15 -29.93 22.98
C LYS B 555 8.87 -29.26 21.81
N VAL B 556 8.56 -29.69 20.61
CA VAL B 556 9.20 -29.12 19.43
C VAL B 556 8.63 -27.74 19.18
N LEU B 557 7.35 -27.57 19.48
CA LEU B 557 6.71 -26.29 19.24
C LEU B 557 7.22 -25.26 20.21
N THR B 558 7.24 -25.60 21.48
CA THR B 558 7.74 -24.68 22.51
C THR B 558 9.12 -24.19 22.15
N SER B 559 9.92 -25.12 21.64
CA SER B 559 11.29 -24.83 21.28
C SER B 559 11.37 -23.90 20.08
N ALA B 560 10.54 -24.19 19.09
CA ALA B 560 10.53 -23.44 17.88
C ALA B 560 10.05 -22.02 18.16
N VAL B 561 9.12 -21.90 19.10
CA VAL B 561 8.56 -20.61 19.49
C VAL B 561 9.61 -19.73 20.16
N ALA B 562 10.42 -20.34 21.04
CA ALA B 562 11.51 -19.62 21.70
C ALA B 562 12.54 -19.21 20.65
N GLU B 563 12.75 -20.08 19.66
CA GLU B 563 13.68 -19.76 18.57
C GLU B 563 13.17 -18.59 17.73
N MET B 564 11.86 -18.52 17.57
CA MET B 564 11.26 -17.49 16.75
C MET B 564 11.45 -16.16 17.37
N GLN B 565 11.20 -16.10 18.66
N GLN B 565 11.18 -16.08 18.66
CA GLN B 565 11.31 -14.87 19.41
CA GLN B 565 11.34 -14.84 19.40
C GLN B 565 12.76 -14.40 19.43
C GLN B 565 12.80 -14.40 19.31
N LYS B 566 13.69 -15.35 19.54
CA LYS B 566 15.09 -15.03 19.54
C LYS B 566 15.49 -14.37 18.20
N ARG B 567 15.04 -14.93 17.07
CA ARG B 567 15.28 -14.36 15.76
C ARG B 567 14.67 -12.98 15.59
N ASP B 568 13.45 -12.80 16.11
CA ASP B 568 12.76 -11.52 15.99
C ASP B 568 13.60 -10.43 16.62
N ILE B 569 14.07 -10.67 17.83
CA ILE B 569 14.85 -9.67 18.56
C ILE B 569 16.12 -9.37 17.80
N GLY B 570 16.73 -10.43 17.29
CA GLY B 570 17.91 -10.28 16.49
C GLY B 570 17.64 -9.29 15.37
N VAL B 571 16.49 -9.42 14.74
CA VAL B 571 16.14 -8.58 13.62
C VAL B 571 15.84 -7.14 14.07
N LYS B 572 15.20 -6.98 15.22
CA LYS B 572 14.97 -5.63 15.71
C LYS B 572 16.27 -4.92 16.09
N ALA B 573 17.25 -5.68 16.58
CA ALA B 573 18.50 -5.13 16.98
C ALA B 573 19.25 -4.58 15.77
N GLU B 574 19.28 -5.34 14.68
CA GLU B 574 19.90 -4.89 13.46
C GLU B 574 19.24 -3.63 12.98
N ASN B 575 17.94 -3.62 13.02
CA ASN B 575 17.21 -2.48 12.57
C ASN B 575 17.46 -1.22 13.38
N PHE B 576 17.51 -1.36 14.70
CA PHE B 576 17.71 -0.25 15.61
C PHE B 576 19.11 0.31 15.41
N ILE B 577 20.08 -0.59 15.30
CA ILE B 577 21.46 -0.24 15.01
C ILE B 577 21.57 0.56 13.71
N ARG B 578 20.96 0.06 12.65
CA ARG B 578 21.06 0.65 11.32
C ARG B 578 20.34 1.97 11.26
N GLU B 579 19.23 2.09 11.97
CA GLU B 579 18.32 3.22 11.83
C GLU B 579 18.46 4.32 12.91
N VAL B 580 19.07 3.99 14.03
CA VAL B 580 19.15 4.92 15.14
C VAL B 580 20.58 5.16 15.57
N ILE B 581 21.32 4.08 15.79
CA ILE B 581 22.66 4.25 16.27
C ILE B 581 23.58 4.80 15.21
N TYR B 582 23.56 4.18 14.03
N TYR B 582 23.65 4.20 14.05
CA TYR B 582 24.40 4.57 12.90
CA TYR B 582 24.62 4.69 13.10
C TYR B 582 24.43 6.07 12.72
C TYR B 582 24.48 6.18 12.80
N PRO B 583 23.27 6.69 12.51
CA PRO B 583 23.26 8.14 12.34
C PRO B 583 23.82 8.96 13.49
N SER B 584 23.65 8.53 14.74
CA SER B 584 24.23 9.28 15.89
C SER B 584 25.70 9.10 15.97
N LEU B 585 26.10 7.85 15.83
CA LEU B 585 27.48 7.47 15.98
C LEU B 585 28.34 8.16 14.91
N TYR B 586 27.85 8.25 13.68
CA TYR B 586 28.59 8.88 12.57
C TYR B 586 28.19 10.34 12.33
N ARG B 587 27.56 10.93 13.33
CA ARG B 587 27.16 12.32 13.23
C ARG B 587 28.44 13.11 13.39
N PRO B 588 28.77 13.96 12.39
CA PRO B 588 29.95 14.84 12.53
C PRO B 588 29.92 15.67 13.82
N GLY B 589 30.97 15.58 14.64
CA GLY B 589 31.06 16.33 15.91
C GLY B 589 30.61 15.64 17.19
N GLN B 590 30.10 14.42 17.08
CA GLN B 590 29.63 13.66 18.25
C GLN B 590 30.74 13.48 19.31
N PRO B 591 30.52 13.92 20.56
CA PRO B 591 31.48 13.76 21.66
C PRO B 591 31.85 12.31 21.96
N ALA B 592 33.06 12.10 22.47
CA ALA B 592 33.62 10.77 22.70
C ALA B 592 32.83 9.85 23.65
N ALA B 593 32.26 10.41 24.72
CA ALA B 593 31.47 9.60 25.69
C ALA B 593 30.22 8.98 25.02
N ASN B 594 29.59 9.76 24.15
CA ASN B 594 28.46 9.27 23.35
C ASN B 594 28.87 8.18 22.35
N VAL B 595 30.04 8.32 21.74
CA VAL B 595 30.57 7.32 20.81
C VAL B 595 30.79 6.01 21.57
N GLU B 596 31.34 6.11 22.75
CA GLU B 596 31.62 4.95 23.61
C GLU B 596 30.33 4.26 24.00
N LEU B 597 29.36 5.06 24.43
CA LEU B 597 28.04 4.54 24.80
C LEU B 597 27.35 3.80 23.64
N LEU B 598 27.30 4.45 22.47
CA LEU B 598 26.68 3.86 21.28
C LEU B 598 27.38 2.58 20.79
N GLN B 599 28.72 2.58 20.85
CA GLN B 599 29.46 1.39 20.49
C GLN B 599 29.16 0.24 21.44
N ARG B 600 29.15 0.54 22.73
CA ARG B 600 28.80 -0.47 23.71
C ARG B 600 27.40 -1.02 23.43
N ALA B 601 26.50 -0.12 23.02
CA ALA B 601 25.14 -0.51 22.74
C ALA B 601 25.07 -1.49 21.61
N VAL B 602 25.94 -1.33 20.63
CA VAL B 602 25.96 -2.24 19.50
C VAL B 602 26.31 -3.68 19.91
N ARG B 603 27.37 -3.87 20.65
CA ARG B 603 27.75 -5.20 21.12
C ARG B 603 26.65 -5.84 21.93
N ASP B 604 26.15 -5.11 22.91
CA ASP B 604 25.11 -5.64 23.77
C ASP B 604 23.92 -6.06 22.94
N LEU B 605 23.58 -5.28 21.92
CA LEU B 605 22.48 -5.60 21.05
C LEU B 605 22.73 -6.88 20.21
N GLY B 606 23.98 -7.14 19.86
CA GLY B 606 24.30 -8.38 19.15
C GLY B 606 24.25 -9.57 20.08
N GLU B 607 24.03 -9.32 21.36
CA GLU B 607 24.01 -10.36 22.37
C GLU B 607 22.57 -10.65 22.82
N ALA B 608 21.64 -9.85 22.32
CA ALA B 608 20.28 -9.85 22.83
C ALA B 608 19.37 -10.90 22.27
N THR B 609 18.75 -11.67 23.15
CA THR B 609 17.80 -12.71 22.72
C THR B 609 16.34 -12.51 23.15
N THR B 610 16.07 -11.51 23.99
CA THR B 610 14.74 -11.28 24.53
C THR B 610 14.39 -9.80 24.50
N PRO B 611 13.09 -9.48 24.67
CA PRO B 611 12.66 -8.09 24.79
C PRO B 611 13.33 -7.38 25.98
N ALA B 612 13.52 -8.10 27.10
CA ALA B 612 14.11 -7.50 28.29
C ALA B 612 15.53 -7.02 28.01
N GLU B 613 16.32 -7.87 27.37
CA GLU B 613 17.70 -7.52 27.06
C GLU B 613 17.73 -6.35 26.05
N PHE B 614 16.90 -6.45 25.01
CA PHE B 614 16.79 -5.39 24.03
C PHE B 614 16.45 -4.05 24.71
N ASN B 615 15.42 -4.05 25.55
CA ASN B 615 14.98 -2.85 26.27
C ASN B 615 16.01 -2.33 27.27
N ARG B 616 16.77 -3.24 27.86
CA ARG B 616 17.76 -2.81 28.82
C ARG B 616 18.69 -1.86 28.12
N VAL B 617 19.11 -2.24 26.92
CA VAL B 617 20.07 -1.44 26.15
C VAL B 617 19.50 -0.08 25.76
N LEU B 618 18.23 -0.02 25.39
CA LEU B 618 17.61 1.27 25.05
C LEU B 618 17.39 2.15 26.27
N ASP B 619 17.01 1.57 27.41
CA ASP B 619 16.84 2.36 28.63
C ASP B 619 18.16 3.04 28.99
N GLY B 620 19.29 2.37 28.73
CA GLY B 620 20.61 2.92 29.02
C GLY B 620 20.96 4.09 28.11
N ILE B 621 20.54 4.04 26.84
CA ILE B 621 20.75 5.18 25.92
C ILE B 621 19.97 6.37 26.50
N VAL B 622 18.71 6.12 26.80
CA VAL B 622 17.84 7.14 27.33
C VAL B 622 18.39 7.78 28.56
N LYS B 623 18.96 6.97 29.45
CA LYS B 623 19.42 7.51 30.70
C LYS B 623 20.78 8.21 30.57
N HIS B 624 21.64 7.77 29.66
CA HIS B 624 23.01 8.28 29.64
C HIS B 624 23.46 9.08 28.45
N TYR B 625 22.76 8.99 27.33
CA TYR B 625 23.12 9.80 26.16
C TYR B 625 22.98 11.28 26.55
N ARG B 626 24.05 12.07 26.37
CA ARG B 626 24.12 13.51 26.73
C ARG B 626 23.59 14.38 25.60
N ALA B 627 22.59 15.19 25.87
CA ALA B 627 22.00 16.07 24.87
C ALA B 627 22.38 17.52 25.17
N SER B 638 19.15 14.01 21.92
CA SER B 638 17.73 14.29 22.10
C SER B 638 16.87 13.59 21.06
N THR B 639 17.17 13.65 19.74
CA THR B 639 16.39 12.84 18.79
C THR B 639 16.78 11.38 19.00
N THR B 640 18.05 11.18 19.38
CA THR B 640 18.53 9.84 19.73
C THR B 640 17.78 9.28 20.95
N VAL B 641 17.62 10.09 21.99
CA VAL B 641 16.92 9.65 23.18
C VAL B 641 15.47 9.40 22.84
N GLU B 642 14.88 10.29 22.02
CA GLU B 642 13.49 10.13 21.60
C GLU B 642 13.29 8.83 20.85
N GLN B 643 14.17 8.55 19.88
CA GLN B 643 14.10 7.30 19.11
C GLN B 643 14.29 6.07 20.02
N ALA B 644 15.24 6.18 20.94
CA ALA B 644 15.48 5.09 21.86
C ALA B 644 14.21 4.72 22.62
N LYS B 645 13.40 5.70 23.02
CA LYS B 645 12.16 5.40 23.73
C LYS B 645 11.17 4.81 22.76
N ALA B 646 11.00 5.48 21.62
CA ALA B 646 10.06 5.06 20.57
C ALA B 646 10.24 3.64 20.07
N TRP B 647 11.46 3.10 20.14
CA TRP B 647 11.69 1.71 19.71
C TRP B 647 11.55 0.63 20.82
N ARG B 648 11.28 1.02 22.06
CA ARG B 648 11.10 0.00 23.09
C ARG B 648 10.06 -0.99 22.59
N ILE B 649 10.22 -2.25 22.98
CA ILE B 649 9.22 -3.27 22.68
C ILE B 649 8.17 -3.14 23.78
N PRO B 650 6.93 -2.83 23.39
CA PRO B 650 5.81 -2.62 24.30
C PRO B 650 5.74 -3.50 25.54
N VAL B 651 5.99 -4.80 25.43
CA VAL B 651 5.83 -5.68 26.61
C VAL B 651 4.35 -5.78 27.02
#